data_5I6D
#
_entry.id   5I6D
#
_cell.length_a   64.552
_cell.length_b   76.373
_cell.length_c   80.865
_cell.angle_alpha   94.57
_cell.angle_beta   108.24
_cell.angle_gamma   107.65
#
_symmetry.space_group_name_H-M   'P 1'
#
loop_
_entity.id
_entity.type
_entity.pdbx_description
1 polymer 'O-phosphoserine sulfhydrylase'
2 non-polymer "PYRIDOXAL-5'-PHOSPHATE"
3 non-polymer '3-{[(4-methylphenyl)carbamoyl]amino}benzoic acid'
4 non-polymer GLYCEROL
5 water water
#
_entity_poly.entity_id   1
_entity_poly.type   'polypeptide(L)'
_entity_poly.pdbx_seq_one_letter_code
;GSHMARYDSLLQALGNTPLVGLQRLSPRWDDGRDGPHVRLWAKLEDRNPTGSIKDRPAVRMIEQAEADGLLRPGATILEP
TSGNTGISLAMAARLKGYRLICVMPENTSVERRQLLELYGAQIIFSAAEGGSNTAVATAKELAATNPSWVMLYQYGNPAN
TDSHYCGTGPELLADLPEITHFVAGLGTTGTLMGTGRFLREHVANVKIVAAEPRYGEGVYALRNMDEGFVPELYDPEILT
ARYSVGAVDAVRRTRELVHTEGIFAGISTGAVLHAALGVGAGALAAGERADIALVVADAGWKYLSTGAYAGSLDDAETAL
EGQLWA
;
_entity_poly.pdbx_strand_id   A,B,C,D
#
loop_
_chem_comp.id
_chem_comp.type
_chem_comp.name
_chem_comp.formula
AU6 non-polymer '3-{[(4-methylphenyl)carbamoyl]amino}benzoic acid' 'C15 H14 N2 O3'
GOL non-polymer GLYCEROL 'C3 H8 O3'
PLP non-polymer PYRIDOXAL-5'-PHOSPHATE 'C8 H10 N O6 P'
#
# COMPACT_ATOMS: atom_id res chain seq x y z
N ARG A 6 7.78 11.46 15.68
CA ARG A 6 7.04 12.33 16.66
C ARG A 6 5.83 12.90 15.95
N TYR A 7 4.94 13.48 16.75
CA TYR A 7 3.72 14.08 16.26
C TYR A 7 3.62 15.47 16.85
N ASP A 8 2.86 16.37 16.21
CA ASP A 8 2.54 17.64 16.86
C ASP A 8 1.05 17.88 16.98
N SER A 9 0.27 16.79 16.97
CA SER A 9 -1.10 16.86 17.31
C SER A 9 -1.53 15.42 17.71
N LEU A 10 -2.40 15.29 18.70
CA LEU A 10 -2.92 13.94 19.04
C LEU A 10 -3.55 13.28 17.82
N LEU A 11 -4.14 14.09 16.95
CA LEU A 11 -4.81 13.53 15.75
C LEU A 11 -3.86 12.77 14.85
N GLN A 12 -2.57 13.05 14.88
CA GLN A 12 -1.62 12.32 14.09
C GLN A 12 -1.24 11.01 14.72
N ALA A 13 -1.50 10.84 16.02
CA ALA A 13 -1.02 9.68 16.75
C ALA A 13 -2.14 8.64 16.73
N LEU A 14 -2.42 8.20 15.51
CA LEU A 14 -3.64 7.51 15.17
C LEU A 14 -3.22 6.42 14.21
N GLY A 15 -3.83 5.25 14.32
CA GLY A 15 -3.47 4.16 13.43
C GLY A 15 -2.12 3.59 13.75
N ASN A 16 -1.52 2.89 12.80
CA ASN A 16 -0.29 2.12 12.98
C ASN A 16 -0.32 1.30 14.24
N THR A 17 -1.42 0.58 14.41
CA THR A 17 -1.66 -0.17 15.62
C THR A 17 -0.97 -1.56 15.60
N PRO A 18 -0.64 -2.08 16.77
CA PRO A 18 0.10 -3.34 16.83
C PRO A 18 -0.75 -4.55 16.50
N LEU A 19 -0.10 -5.55 15.94
CA LEU A 19 -0.74 -6.86 15.73
C LEU A 19 -0.05 -7.85 16.65
N VAL A 20 -0.84 -8.53 17.47
CA VAL A 20 -0.33 -9.42 18.50
C VAL A 20 -0.81 -10.83 18.31
N GLY A 21 0.15 -11.73 18.26
CA GLY A 21 -0.17 -13.16 18.13
C GLY A 21 -0.77 -13.72 19.41
N LEU A 22 -1.81 -14.56 19.26
CA LEU A 22 -2.50 -15.15 20.43
C LEU A 22 -2.06 -16.62 20.56
N GLN A 23 -0.87 -16.80 21.12
CA GLN A 23 -0.30 -18.14 21.18
C GLN A 23 -1.10 -19.13 22.01
N ARG A 24 -1.80 -18.67 23.03
CA ARG A 24 -2.56 -19.55 23.93
C ARG A 24 -3.95 -19.88 23.40
N LEU A 25 -4.60 -18.86 22.83
CA LEU A 25 -5.94 -19.01 22.31
C LEU A 25 -6.00 -19.65 20.91
N SER A 26 -4.91 -19.56 20.15
CA SER A 26 -4.86 -20.10 18.79
C SER A 26 -5.12 -21.60 18.78
N PRO A 27 -5.91 -22.08 17.82
CA PRO A 27 -6.12 -23.55 17.77
C PRO A 27 -4.83 -24.35 17.67
N ARG A 28 -3.84 -23.84 16.93
CA ARG A 28 -2.53 -24.48 16.90
C ARG A 28 -1.44 -23.50 16.52
N TRP A 29 -0.72 -22.96 17.50
CA TRP A 29 0.29 -21.97 17.19
C TRP A 29 1.47 -22.49 16.34
N ASP A 30 1.98 -23.69 16.66
CA ASP A 30 3.14 -24.22 15.95
C ASP A 30 2.80 -25.28 14.91
N ASP A 31 3.47 -25.21 13.76
CA ASP A 31 3.37 -26.28 12.76
C ASP A 31 3.86 -27.56 13.46
N GLY A 32 3.16 -28.68 13.27
CA GLY A 32 3.52 -29.91 13.98
C GLY A 32 3.25 -31.18 13.19
N ARG A 33 3.45 -32.29 13.88
CA ARG A 33 3.08 -33.62 13.39
C ARG A 33 1.60 -33.66 13.04
N ASP A 34 0.77 -33.00 13.84
CA ASP A 34 -0.68 -33.05 13.70
C ASP A 34 -1.20 -32.29 12.49
N GLY A 35 -0.36 -31.42 11.93
CA GLY A 35 -0.74 -30.60 10.79
C GLY A 35 -0.28 -29.15 10.92
N PRO A 36 -0.63 -28.32 9.94
CA PRO A 36 -0.15 -26.94 9.89
C PRO A 36 -0.77 -26.02 10.97
N HIS A 37 -0.10 -24.89 11.20
CA HIS A 37 -0.54 -23.95 12.24
C HIS A 37 -1.88 -23.32 11.87
N VAL A 38 -2.65 -22.99 12.92
CA VAL A 38 -3.88 -22.24 12.82
C VAL A 38 -3.76 -21.11 13.88
N ARG A 39 -3.34 -19.93 13.42
CA ARG A 39 -2.98 -18.80 14.27
C ARG A 39 -4.00 -17.68 14.24
N LEU A 40 -4.22 -17.07 15.41
CA LEU A 40 -5.05 -15.88 15.56
C LEU A 40 -4.11 -14.72 15.91
N TRP A 41 -4.35 -13.58 15.29
CA TRP A 41 -3.54 -12.38 15.44
C TRP A 41 -4.51 -11.25 15.71
N ALA A 42 -4.29 -10.51 16.81
CA ALA A 42 -5.22 -9.45 17.23
C ALA A 42 -4.67 -8.06 16.90
N LYS A 43 -5.46 -7.27 16.19
CA LYS A 43 -5.06 -5.89 15.83
C LYS A 43 -5.69 -4.96 16.86
N LEU A 44 -4.82 -4.24 17.62
CA LEU A 44 -5.26 -3.52 18.83
C LEU A 44 -5.64 -2.09 18.53
N GLU A 45 -6.90 -1.94 18.16
CA GLU A 45 -7.42 -0.62 17.76
C GLU A 45 -7.83 0.25 18.94
N ASP A 46 -7.65 -0.25 20.16
CA ASP A 46 -7.78 0.60 21.32
C ASP A 46 -6.56 1.50 21.47
N ARG A 47 -5.46 1.20 20.75
CA ARG A 47 -4.26 2.07 20.74
C ARG A 47 -4.42 3.21 19.74
N ASN A 48 -5.35 4.10 20.07
CA ASN A 48 -5.78 5.19 19.19
C ASN A 48 -6.20 6.32 20.11
N PRO A 49 -6.27 7.54 19.58
CA PRO A 49 -6.49 8.75 20.43
C PRO A 49 -7.54 8.64 21.51
N THR A 50 -8.74 8.15 21.16
CA THR A 50 -9.80 8.04 22.12
C THR A 50 -10.13 6.60 22.53
N GLY A 51 -9.29 5.66 22.10
CA GLY A 51 -9.41 4.27 22.56
C GLY A 51 -10.31 3.39 21.72
N SER A 52 -10.59 3.77 20.46
CA SER A 52 -11.31 2.86 19.60
C SER A 52 -10.96 3.04 18.19
N ILE A 53 -11.39 2.05 17.40
CA ILE A 53 -11.15 2.10 15.95
C ILE A 53 -11.84 3.29 15.27
N LYS A 54 -12.86 3.87 15.91
CA LYS A 54 -13.65 4.94 15.28
C LYS A 54 -12.82 6.20 15.08
N ASP A 55 -11.66 6.32 15.73
CA ASP A 55 -10.83 7.49 15.45
C ASP A 55 -10.43 7.58 13.98
N ARG A 56 -10.28 6.43 13.31
CA ARG A 56 -9.90 6.38 11.91
C ARG A 56 -10.99 7.02 11.01
N PRO A 57 -12.21 6.47 11.03
CA PRO A 57 -13.20 7.15 10.20
C PRO A 57 -13.61 8.54 10.65
N ALA A 58 -13.61 8.81 11.94
CA ALA A 58 -14.04 10.09 12.43
C ALA A 58 -13.12 11.19 11.95
N VAL A 59 -11.83 10.97 12.11
CA VAL A 59 -10.85 11.98 11.70
C VAL A 59 -10.92 12.15 10.18
N ARG A 60 -11.02 11.04 9.43
CA ARG A 60 -11.04 11.15 8.00
C ARG A 60 -12.29 11.84 7.49
N MET A 61 -13.46 11.51 8.06
CA MET A 61 -14.70 12.18 7.69
C MET A 61 -14.62 13.70 7.93
N ILE A 62 -14.15 14.09 9.10
CA ILE A 62 -14.07 15.53 9.40
C ILE A 62 -13.09 16.19 8.42
N GLU A 63 -11.96 15.57 8.20
CA GLU A 63 -10.94 16.21 7.35
C GLU A 63 -11.38 16.28 5.91
N GLN A 64 -12.12 15.27 5.46
CA GLN A 64 -12.72 15.28 4.12
C GLN A 64 -13.78 16.37 3.99
N ALA A 65 -14.60 16.56 5.02
CA ALA A 65 -15.61 17.60 5.01
C ALA A 65 -14.92 18.98 4.96
N GLU A 66 -13.83 19.14 5.71
CA GLU A 66 -13.06 20.40 5.71
C GLU A 66 -12.48 20.67 4.33
N ALA A 67 -11.86 19.66 3.73
CA ALA A 67 -11.24 19.82 2.40
C ALA A 67 -12.27 20.13 1.33
N ASP A 68 -13.47 19.56 1.46
CA ASP A 68 -14.59 19.84 0.56
C ASP A 68 -15.29 21.19 0.79
N GLY A 69 -14.87 21.94 1.81
CA GLY A 69 -15.44 23.25 2.07
C GLY A 69 -16.78 23.26 2.81
N LEU A 70 -17.06 22.22 3.60
CA LEU A 70 -18.35 22.12 4.32
C LEU A 70 -18.37 22.72 5.74
N LEU A 71 -17.21 22.99 6.32
CA LEU A 71 -17.15 23.41 7.71
C LEU A 71 -16.56 24.80 7.90
N ARG A 72 -17.09 25.56 8.84
CA ARG A 72 -16.58 26.87 9.14
C ARG A 72 -16.39 26.92 10.63
N PRO A 73 -15.53 27.82 11.12
CA PRO A 73 -15.34 27.89 12.56
C PRO A 73 -16.65 27.97 13.32
N GLY A 74 -16.81 27.08 14.29
CA GLY A 74 -17.94 27.08 15.16
C GLY A 74 -19.15 26.39 14.59
N ALA A 75 -19.02 25.81 13.39
CA ALA A 75 -20.09 24.95 12.81
C ALA A 75 -20.52 23.88 13.78
N THR A 76 -21.78 23.47 13.67
CA THR A 76 -22.32 22.37 14.43
C THR A 76 -22.27 21.11 13.56
N ILE A 77 -21.71 20.06 14.11
CA ILE A 77 -21.71 18.71 13.52
C ILE A 77 -22.75 17.90 14.32
N LEU A 78 -23.52 17.03 13.65
CA LEU A 78 -24.56 16.24 14.22
C LEU A 78 -24.30 14.82 13.77
N GLU A 79 -24.30 13.86 14.68
CA GLU A 79 -24.06 12.45 14.30
C GLU A 79 -24.86 11.49 15.17
N PRO A 80 -25.55 10.52 14.53
CA PRO A 80 -26.11 9.43 15.29
C PRO A 80 -25.02 8.41 15.65
N THR A 81 -24.95 8.02 16.92
CA THR A 81 -23.84 7.19 17.38
C THR A 81 -24.25 6.41 18.61
N SER A 82 -23.67 5.23 18.77
CA SER A 82 -23.83 4.47 20.01
C SER A 82 -22.71 4.80 21.00
N GLY A 83 -21.76 5.66 20.61
CA GLY A 83 -20.80 6.20 21.56
C GLY A 83 -19.40 6.36 21.01
N ASN A 84 -18.85 5.32 20.43
CA ASN A 84 -17.44 5.38 19.97
C ASN A 84 -17.22 6.45 18.91
N THR A 85 -18.06 6.51 17.88
CA THR A 85 -17.85 7.53 16.85
C THR A 85 -18.08 8.91 17.45
N GLY A 86 -19.08 9.03 18.34
CA GLY A 86 -19.31 10.30 19.01
C GLY A 86 -18.12 10.79 19.77
N ILE A 87 -17.51 9.89 20.53
CA ILE A 87 -16.34 10.22 21.33
C ILE A 87 -15.18 10.70 20.45
N SER A 88 -14.94 9.97 19.37
CA SER A 88 -13.90 10.32 18.39
C SER A 88 -14.16 11.70 17.78
N LEU A 89 -15.39 11.90 17.34
CA LEU A 89 -15.76 13.18 16.76
C LEU A 89 -15.72 14.29 17.80
N ALA A 90 -16.05 13.94 19.05
CA ALA A 90 -16.04 14.96 20.11
C ALA A 90 -14.63 15.47 20.33
N MET A 91 -13.68 14.55 20.38
CA MET A 91 -12.30 14.95 20.56
C MET A 91 -11.83 15.82 19.39
N ALA A 92 -12.07 15.36 18.16
CA ALA A 92 -11.58 16.07 17.00
C ALA A 92 -12.30 17.44 16.84
N ALA A 93 -13.58 17.48 17.17
CA ALA A 93 -14.35 18.75 17.06
C ALA A 93 -13.85 19.79 18.04
N ARG A 94 -13.48 19.32 19.23
CA ARG A 94 -12.98 20.20 20.26
C ARG A 94 -11.68 20.86 19.78
N LEU A 95 -10.80 20.04 19.22
CA LEU A 95 -9.50 20.53 18.72
C LEU A 95 -9.65 21.45 17.51
N LYS A 96 -10.68 21.23 16.70
CA LYS A 96 -10.80 21.99 15.48
C LYS A 96 -11.77 23.17 15.58
N GLY A 97 -12.48 23.32 16.70
CA GLY A 97 -13.37 24.47 16.91
C GLY A 97 -14.81 24.30 16.45
N TYR A 98 -15.27 23.05 16.36
CA TYR A 98 -16.67 22.75 16.00
C TYR A 98 -17.47 22.34 17.19
N ARG A 99 -18.79 22.50 17.10
CA ARG A 99 -19.69 22.02 18.12
C ARG A 99 -20.16 20.64 17.66
N LEU A 100 -20.33 19.75 18.60
CA LEU A 100 -20.83 18.39 18.26
C LEU A 100 -22.09 18.11 19.03
N ILE A 101 -23.12 17.63 18.30
CA ILE A 101 -24.32 17.04 18.90
C ILE A 101 -24.40 15.55 18.49
N CYS A 102 -24.53 14.67 19.47
CA CYS A 102 -24.62 13.22 19.27
C CYS A 102 -26.05 12.81 19.58
N VAL A 103 -26.65 12.02 18.69
CA VAL A 103 -27.96 11.41 18.95
C VAL A 103 -27.66 9.97 19.29
N MET A 104 -28.00 9.57 20.51
CA MET A 104 -27.61 8.28 21.04
C MET A 104 -28.79 7.54 21.60
N PRO A 105 -28.73 6.21 21.57
CA PRO A 105 -29.76 5.46 22.29
C PRO A 105 -29.64 5.65 23.78
N GLU A 106 -30.76 5.64 24.49
CA GLU A 106 -30.69 5.79 25.95
C GLU A 106 -30.00 4.65 26.69
N ASN A 107 -29.97 3.44 26.17
CA ASN A 107 -29.37 2.36 26.96
C ASN A 107 -27.93 2.07 26.50
N THR A 108 -27.05 3.01 26.81
CA THR A 108 -25.61 2.88 26.58
C THR A 108 -24.86 3.14 27.88
N SER A 109 -23.63 2.65 27.98
CA SER A 109 -22.91 2.71 29.27
C SER A 109 -22.63 4.17 29.74
N VAL A 110 -22.66 4.41 31.06
CA VAL A 110 -22.43 5.75 31.61
C VAL A 110 -21.06 6.32 31.23
N GLU A 111 -20.07 5.43 31.08
CA GLU A 111 -18.70 5.83 30.70
C GLU A 111 -18.74 6.62 29.37
N ARG A 112 -19.54 6.16 28.41
CA ARG A 112 -19.70 6.87 27.11
C ARG A 112 -20.18 8.29 27.33
N ARG A 113 -21.24 8.43 28.12
CA ARG A 113 -21.78 9.76 28.43
C ARG A 113 -20.75 10.62 29.11
N GLN A 114 -20.01 10.06 30.08
CA GLN A 114 -19.03 10.86 30.76
C GLN A 114 -17.96 11.37 29.81
N LEU A 115 -17.49 10.51 28.90
CA LEU A 115 -16.40 10.94 28.00
C LEU A 115 -16.96 11.98 27.00
N LEU A 116 -18.16 11.77 26.49
CA LEU A 116 -18.75 12.77 25.60
C LEU A 116 -18.87 14.12 26.27
N GLU A 117 -19.35 14.14 27.51
CA GLU A 117 -19.51 15.39 28.21
C GLU A 117 -18.16 16.05 28.53
N LEU A 118 -17.15 15.24 28.86
CA LEU A 118 -15.83 15.79 29.13
C LEU A 118 -15.23 16.49 27.91
N TYR A 119 -15.39 15.89 26.73
CA TYR A 119 -14.99 16.55 25.50
C TYR A 119 -15.92 17.70 25.05
N GLY A 120 -17.09 17.83 25.67
CA GLY A 120 -17.95 18.99 25.48
C GLY A 120 -19.03 18.75 24.43
N ALA A 121 -19.26 17.49 24.07
CA ALA A 121 -20.38 17.15 23.15
C ALA A 121 -21.73 17.34 23.84
N GLN A 122 -22.73 17.78 23.08
CA GLN A 122 -24.12 17.74 23.52
C GLN A 122 -24.70 16.35 23.18
N ILE A 123 -25.41 15.73 24.11
CA ILE A 123 -26.05 14.44 23.83
C ILE A 123 -27.58 14.60 23.80
N ILE A 124 -28.19 14.10 22.74
CA ILE A 124 -29.64 13.97 22.61
C ILE A 124 -29.88 12.48 22.64
N PHE A 125 -30.80 12.04 23.47
CA PHE A 125 -31.15 10.62 23.45
C PHE A 125 -32.33 10.33 22.55
N SER A 126 -32.39 9.07 22.15
CA SER A 126 -33.47 8.58 21.30
C SER A 126 -33.79 7.16 21.78
N THR A 134 -33.63 4.23 15.23
CA THR A 134 -34.31 5.45 15.72
C THR A 134 -33.36 6.65 15.84
N ALA A 135 -32.17 6.41 16.38
CA ALA A 135 -31.17 7.50 16.47
C ALA A 135 -30.84 8.06 15.09
N VAL A 136 -30.69 7.21 14.09
CA VAL A 136 -30.37 7.67 12.75
C VAL A 136 -31.53 8.51 12.20
N ALA A 137 -32.76 8.01 12.34
CA ALA A 137 -33.92 8.78 11.86
C ALA A 137 -34.03 10.13 12.53
N THR A 138 -33.85 10.14 13.85
CA THR A 138 -33.91 11.39 14.62
C THR A 138 -32.87 12.37 14.12
N ALA A 139 -31.62 11.91 13.92
CA ALA A 139 -30.58 12.79 13.36
C ALA A 139 -30.94 13.34 11.99
N LYS A 140 -31.43 12.45 11.11
CA LYS A 140 -31.74 12.84 9.75
C LYS A 140 -32.79 13.95 9.77
N GLU A 141 -33.76 13.83 10.67
CA GLU A 141 -34.82 14.82 10.76
C GLU A 141 -34.26 16.14 11.25
N LEU A 142 -33.44 16.08 12.30
CA LEU A 142 -32.83 17.29 12.84
C LEU A 142 -31.95 17.97 11.82
N ALA A 143 -31.22 17.19 11.03
CA ALA A 143 -30.34 17.73 9.99
C ALA A 143 -31.18 18.46 8.94
N ALA A 144 -32.34 17.90 8.63
CA ALA A 144 -33.23 18.52 7.66
C ALA A 144 -33.82 19.85 8.18
N THR A 145 -34.09 19.89 9.47
CA THR A 145 -34.62 21.07 10.15
C THR A 145 -33.56 22.17 10.17
N ASN A 146 -32.30 21.78 10.27
CA ASN A 146 -31.18 22.72 10.42
C ASN A 146 -30.15 22.56 9.33
N PRO A 147 -30.39 23.20 8.19
CA PRO A 147 -29.52 22.91 7.03
C PRO A 147 -28.08 23.35 7.19
N SER A 148 -27.80 24.24 8.13
CA SER A 148 -26.42 24.69 8.37
C SER A 148 -25.61 23.67 9.20
N TRP A 149 -26.28 22.71 9.83
CA TRP A 149 -25.57 21.65 10.57
C TRP A 149 -24.93 20.69 9.57
N VAL A 150 -23.77 20.14 9.94
CA VAL A 150 -23.11 19.18 9.08
C VAL A 150 -23.30 17.80 9.69
N MET A 151 -23.93 16.89 8.97
CA MET A 151 -24.05 15.50 9.43
C MET A 151 -23.11 14.67 8.55
N LEU A 152 -21.99 14.25 9.12
CA LEU A 152 -21.02 13.50 8.37
C LEU A 152 -21.57 12.14 7.88
N TYR A 153 -22.33 11.49 8.75
CA TYR A 153 -23.15 10.31 8.44
C TYR A 153 -22.30 9.06 8.20
N GLN A 154 -21.86 8.48 9.33
CA GLN A 154 -20.88 7.39 9.28
C GLN A 154 -21.43 6.17 8.55
N TYR A 155 -22.75 6.05 8.46
CA TYR A 155 -23.34 4.89 7.77
C TYR A 155 -23.30 4.98 6.25
N GLY A 156 -23.03 6.16 5.71
CA GLY A 156 -22.98 6.34 4.25
C GLY A 156 -21.80 7.12 3.70
N ASN A 157 -20.91 7.62 4.57
CA ASN A 157 -19.79 8.44 4.14
C ASN A 157 -18.60 7.62 3.68
N PRO A 158 -18.17 7.78 2.43
CA PRO A 158 -17.10 6.93 1.95
C PRO A 158 -15.76 7.15 2.63
N ALA A 159 -15.58 8.26 3.34
CA ALA A 159 -14.38 8.46 4.09
C ALA A 159 -14.27 7.47 5.28
N ASN A 160 -15.39 6.89 5.71
CA ASN A 160 -15.35 5.83 6.70
C ASN A 160 -14.63 4.61 6.08
N THR A 161 -15.20 4.06 5.03
CA THR A 161 -14.56 2.96 4.35
C THR A 161 -13.13 3.26 3.90
N ASP A 162 -12.89 4.46 3.36
CA ASP A 162 -11.55 4.84 2.92
C ASP A 162 -10.50 4.84 4.01
N SER A 163 -10.92 5.19 5.25
CA SER A 163 -9.97 5.17 6.34
C SER A 163 -9.42 3.78 6.58
N HIS A 164 -10.21 2.76 6.31
CA HIS A 164 -9.78 1.37 6.46
C HIS A 164 -9.08 0.84 5.20
N TYR A 165 -9.55 1.24 4.04
CA TYR A 165 -8.90 0.90 2.79
C TYR A 165 -7.48 1.45 2.70
N CYS A 166 -7.27 2.63 3.30
CA CYS A 166 -5.98 3.32 3.23
C CYS A 166 -5.13 3.17 4.48
N GLY A 167 -5.76 2.72 5.58
CA GLY A 167 -5.11 2.57 6.89
C GLY A 167 -5.08 1.12 7.35
N THR A 168 -6.19 0.66 7.91
CA THR A 168 -6.24 -0.64 8.54
C THR A 168 -5.78 -1.77 7.62
N GLY A 169 -6.24 -1.75 6.38
CA GLY A 169 -5.88 -2.81 5.41
C GLY A 169 -4.41 -2.91 5.12
N PRO A 170 -3.79 -1.82 4.66
CA PRO A 170 -2.34 -1.89 4.33
C PRO A 170 -1.48 -2.16 5.56
N GLU A 171 -1.85 -1.61 6.71
CA GLU A 171 -1.14 -1.95 7.93
C GLU A 171 -1.16 -3.44 8.24
N LEU A 172 -2.33 -4.04 8.11
CA LEU A 172 -2.49 -5.45 8.38
C LEU A 172 -1.72 -6.29 7.36
N LEU A 173 -1.80 -5.92 6.10
CA LEU A 173 -1.06 -6.66 5.09
C LEU A 173 0.44 -6.56 5.28
N ALA A 174 0.92 -5.39 5.72
CA ALA A 174 2.35 -5.26 5.98
C ALA A 174 2.83 -6.14 7.14
N ASP A 175 2.01 -6.27 8.17
CA ASP A 175 2.40 -7.07 9.34
C ASP A 175 2.15 -8.57 9.17
N LEU A 176 1.18 -8.92 8.34
CA LEU A 176 0.71 -10.30 8.21
C LEU A 176 0.51 -10.65 6.73
N PRO A 177 1.59 -10.63 5.94
CA PRO A 177 1.43 -10.91 4.51
C PRO A 177 1.01 -12.34 4.26
N GLU A 178 1.12 -13.22 5.26
CA GLU A 178 0.61 -14.61 5.13
C GLU A 178 -0.90 -14.74 5.47
N ILE A 179 -1.59 -13.61 5.65
CA ILE A 179 -3.00 -13.61 6.06
C ILE A 179 -3.88 -14.51 5.21
N THR A 180 -4.70 -15.31 5.89
CA THR A 180 -5.75 -16.09 5.22
C THR A 180 -7.16 -15.59 5.44
N HIS A 181 -7.43 -14.98 6.61
CA HIS A 181 -8.75 -14.51 7.00
C HIS A 181 -8.65 -13.20 7.78
N PHE A 182 -9.64 -12.34 7.60
CA PHE A 182 -9.83 -11.12 8.38
C PHE A 182 -11.20 -11.21 8.99
N VAL A 183 -11.27 -10.96 10.31
CA VAL A 183 -12.53 -11.01 11.08
C VAL A 183 -12.77 -9.70 11.84
N ALA A 184 -13.95 -9.12 11.71
CA ALA A 184 -14.30 -7.90 12.43
C ALA A 184 -15.80 -7.82 12.67
N GLY A 185 -16.24 -6.90 13.52
CA GLY A 185 -17.64 -6.67 13.72
C GLY A 185 -18.22 -5.91 12.55
N LEU A 186 -19.52 -6.09 12.30
CA LEU A 186 -20.23 -5.44 11.21
C LEU A 186 -21.24 -4.48 11.78
N GLY A 187 -20.93 -3.17 11.71
CA GLY A 187 -21.75 -2.10 12.30
C GLY A 187 -22.08 -1.09 11.24
N THR A 188 -21.28 -0.05 11.11
CA THR A 188 -21.41 0.87 9.96
C THR A 188 -21.05 0.16 8.66
N THR A 189 -20.28 -0.93 8.80
CA THR A 189 -19.68 -1.76 7.76
C THR A 189 -18.38 -1.20 7.21
N GLY A 190 -17.94 0.00 7.67
CA GLY A 190 -16.68 0.59 7.18
C GLY A 190 -15.46 -0.31 7.33
N THR A 191 -15.33 -0.94 8.49
CA THR A 191 -14.15 -1.75 8.77
C THR A 191 -14.05 -2.88 7.77
N LEU A 192 -15.14 -3.66 7.68
CA LEU A 192 -15.11 -4.78 6.78
C LEU A 192 -15.13 -4.38 5.29
N MET A 193 -15.87 -3.35 4.91
CA MET A 193 -15.88 -2.95 3.50
C MET A 193 -14.53 -2.40 3.04
N GLY A 194 -13.96 -1.52 3.85
CA GLY A 194 -12.68 -0.97 3.52
C GLY A 194 -11.51 -1.91 3.62
N THR A 195 -11.33 -2.51 4.78
CA THR A 195 -10.27 -3.48 4.98
C THR A 195 -10.47 -4.69 4.04
N GLY A 196 -11.72 -5.10 3.90
CA GLY A 196 -12.04 -6.28 3.11
C GLY A 196 -11.82 -6.03 1.62
N ARG A 197 -12.28 -4.88 1.11
CA ARG A 197 -11.97 -4.57 -0.29
C ARG A 197 -10.46 -4.48 -0.52
N PHE A 198 -9.73 -3.85 0.40
CA PHE A 198 -8.29 -3.77 0.25
C PHE A 198 -7.66 -5.14 0.19
N LEU A 199 -8.01 -5.98 1.14
CA LEU A 199 -7.41 -7.28 1.20
C LEU A 199 -7.79 -8.14 -0.01
N ARG A 200 -9.05 -8.10 -0.40
CA ARG A 200 -9.51 -8.96 -1.52
C ARG A 200 -8.84 -8.51 -2.81
N GLU A 201 -8.56 -7.21 -2.92
CA GLU A 201 -7.90 -6.66 -4.10
C GLU A 201 -6.39 -6.98 -4.17
N HIS A 202 -5.81 -7.42 -3.06
CA HIS A 202 -4.39 -7.67 -2.96
C HIS A 202 -4.01 -9.12 -2.69
N VAL A 203 -4.89 -9.89 -2.01
CA VAL A 203 -4.55 -11.22 -1.50
C VAL A 203 -5.49 -12.25 -2.07
N ALA A 204 -4.96 -13.07 -2.98
CA ALA A 204 -5.78 -14.11 -3.61
C ALA A 204 -6.33 -15.04 -2.56
N ASN A 205 -7.64 -15.30 -2.67
CA ASN A 205 -8.35 -16.30 -1.86
C ASN A 205 -8.53 -15.87 -0.38
N VAL A 206 -8.25 -14.61 -0.04
CA VAL A 206 -8.45 -14.19 1.34
C VAL A 206 -9.94 -14.23 1.74
N LYS A 207 -10.23 -14.58 2.99
CA LYS A 207 -11.62 -14.66 3.46
C LYS A 207 -11.90 -13.46 4.36
N ILE A 208 -13.08 -12.87 4.19
CA ILE A 208 -13.48 -11.67 4.93
C ILE A 208 -14.72 -12.08 5.73
N VAL A 209 -14.60 -12.05 7.05
CA VAL A 209 -15.58 -12.67 7.92
C VAL A 209 -16.19 -11.65 8.86
N ALA A 210 -17.51 -11.51 8.82
CA ALA A 210 -18.24 -10.64 9.76
C ALA A 210 -18.73 -11.33 11.01
N ALA A 211 -18.69 -10.60 12.11
CA ALA A 211 -19.44 -10.93 13.33
C ALA A 211 -20.51 -9.89 13.54
N GLU A 212 -21.76 -10.33 13.65
CA GLU A 212 -22.83 -9.41 13.86
C GLU A 212 -23.72 -9.84 15.05
N PRO A 213 -24.37 -8.88 15.72
CA PRO A 213 -25.11 -9.25 16.91
C PRO A 213 -26.35 -10.06 16.51
N ARG A 214 -26.68 -11.04 17.31
CA ARG A 214 -27.80 -11.93 17.02
C ARG A 214 -29.11 -11.23 17.31
N PHE A 229 -31.75 -1.08 9.36
CA PHE A 229 -31.57 -0.68 7.97
C PHE A 229 -30.24 -1.25 7.51
N VAL A 230 -29.93 -1.17 6.23
CA VAL A 230 -28.60 -1.58 5.81
C VAL A 230 -27.84 -0.30 5.47
N PRO A 231 -26.72 -0.09 6.16
CA PRO A 231 -25.98 1.11 5.88
C PRO A 231 -25.68 1.24 4.39
N GLU A 232 -25.68 2.46 3.88
CA GLU A 232 -25.32 2.70 2.48
C GLU A 232 -23.93 2.30 2.07
N LEU A 233 -23.01 2.22 3.03
CA LEU A 233 -21.67 1.75 2.75
C LEU A 233 -21.60 0.28 2.40
N TYR A 234 -22.63 -0.49 2.78
CA TYR A 234 -22.53 -1.95 2.62
C TYR A 234 -22.52 -2.39 1.16
N ASP A 235 -21.58 -3.24 0.84
CA ASP A 235 -21.42 -3.88 -0.48
C ASP A 235 -21.54 -5.40 -0.30
N PRO A 236 -22.62 -5.99 -0.83
CA PRO A 236 -22.86 -7.40 -0.59
C PRO A 236 -21.87 -8.36 -1.20
N GLU A 237 -20.96 -7.93 -2.06
N GLU A 237 -20.96 -7.87 -2.04
CA GLU A 237 -20.05 -8.94 -2.59
CA GLU A 237 -20.02 -8.76 -2.66
C GLU A 237 -18.78 -9.13 -1.76
C GLU A 237 -18.81 -9.11 -1.77
N ILE A 238 -18.52 -8.27 -0.78
CA ILE A 238 -17.24 -8.35 -0.05
C ILE A 238 -17.13 -9.51 0.95
N LEU A 239 -18.16 -9.72 1.78
CA LEU A 239 -18.08 -10.71 2.84
C LEU A 239 -18.09 -12.11 2.25
N THR A 240 -17.21 -12.93 2.76
CA THR A 240 -17.22 -14.36 2.39
C THR A 240 -17.92 -15.23 3.44
N ALA A 241 -18.12 -14.67 4.64
CA ALA A 241 -18.86 -15.35 5.69
C ALA A 241 -19.38 -14.38 6.73
N ARG A 242 -20.50 -14.73 7.35
CA ARG A 242 -21.20 -13.83 8.27
C ARG A 242 -21.74 -14.64 9.39
N TYR A 243 -21.31 -14.35 10.62
CA TYR A 243 -21.70 -15.11 11.79
C TYR A 243 -22.54 -14.21 12.69
N SER A 244 -23.68 -14.71 13.18
CA SER A 244 -24.48 -14.01 14.21
C SER A 244 -24.00 -14.54 15.54
N VAL A 245 -23.68 -13.66 16.48
CA VAL A 245 -23.19 -14.04 17.76
C VAL A 245 -24.07 -13.42 18.86
N GLY A 246 -24.51 -14.26 19.78
CA GLY A 246 -25.31 -13.83 20.94
C GLY A 246 -24.46 -13.19 22.00
N ALA A 247 -25.12 -12.34 22.79
CA ALA A 247 -24.46 -11.57 23.85
C ALA A 247 -23.75 -12.47 24.84
N VAL A 248 -24.37 -13.60 25.21
CA VAL A 248 -23.77 -14.49 26.17
C VAL A 248 -22.45 -15.01 25.68
N ASP A 249 -22.40 -15.44 24.42
CA ASP A 249 -21.15 -15.91 23.86
C ASP A 249 -20.12 -14.79 23.74
N ALA A 250 -20.55 -13.60 23.37
CA ALA A 250 -19.64 -12.43 23.24
C ALA A 250 -18.98 -12.10 24.60
N VAL A 251 -19.79 -12.05 25.66
CA VAL A 251 -19.27 -11.82 27.03
C VAL A 251 -18.33 -12.94 27.45
N ARG A 252 -18.68 -14.20 27.22
CA ARG A 252 -17.78 -15.28 27.59
C ARG A 252 -16.43 -15.20 26.88
N ARG A 253 -16.47 -14.92 25.59
CA ARG A 253 -15.22 -14.86 24.84
C ARG A 253 -14.38 -13.64 25.26
N THR A 254 -15.05 -12.54 25.56
CA THR A 254 -14.30 -11.35 26.03
C THR A 254 -13.50 -11.68 27.33
N ARG A 255 -14.16 -12.36 28.24
CA ARG A 255 -13.54 -12.79 29.47
C ARG A 255 -12.44 -13.80 29.22
N GLU A 256 -12.67 -14.72 28.28
CA GLU A 256 -11.64 -15.68 27.92
C GLU A 256 -10.38 -15.02 27.36
N LEU A 257 -10.58 -13.96 26.55
CA LEU A 257 -9.46 -13.25 25.97
C LEU A 257 -8.61 -12.59 27.07
N VAL A 258 -9.24 -11.98 28.04
CA VAL A 258 -8.43 -11.30 29.08
C VAL A 258 -7.70 -12.34 29.95
N HIS A 259 -8.39 -13.44 30.23
CA HIS A 259 -7.82 -14.50 31.08
C HIS A 259 -6.70 -15.27 30.45
N THR A 260 -6.77 -15.46 29.14
CA THR A 260 -5.80 -16.29 28.44
C THR A 260 -4.67 -15.52 27.76
N GLU A 261 -4.98 -14.31 27.25
CA GLU A 261 -4.02 -13.53 26.51
C GLU A 261 -3.70 -12.15 27.17
N GLY A 262 -4.42 -11.84 28.24
CA GLY A 262 -4.20 -10.59 28.99
C GLY A 262 -4.76 -9.33 28.36
N ILE A 263 -5.46 -9.46 27.23
CA ILE A 263 -6.01 -8.32 26.49
C ILE A 263 -7.39 -7.98 27.08
N PHE A 264 -7.53 -6.74 27.58
CA PHE A 264 -8.76 -6.29 28.22
C PHE A 264 -9.60 -5.57 27.16
N ALA A 265 -10.39 -6.35 26.42
CA ALA A 265 -11.11 -5.84 25.25
C ALA A 265 -12.54 -5.53 25.57
N GLY A 266 -13.14 -4.77 24.67
CA GLY A 266 -14.54 -4.51 24.65
C GLY A 266 -15.37 -5.72 24.24
N ILE A 267 -16.67 -5.56 24.30
CA ILE A 267 -17.57 -6.70 24.08
C ILE A 267 -17.63 -7.14 22.62
N SER A 268 -17.57 -6.19 21.69
CA SER A 268 -17.54 -6.60 20.28
C SER A 268 -16.39 -7.52 19.95
N THR A 269 -15.26 -7.35 20.61
CA THR A 269 -14.12 -8.21 20.42
C THR A 269 -14.40 -9.67 20.80
N GLY A 270 -15.18 -9.87 21.86
CA GLY A 270 -15.63 -11.22 22.21
C GLY A 270 -16.42 -11.87 21.09
N ALA A 271 -17.32 -11.14 20.47
CA ALA A 271 -18.04 -11.69 19.31
C ALA A 271 -17.17 -11.96 18.13
N VAL A 272 -16.24 -11.05 17.85
CA VAL A 272 -15.26 -11.28 16.79
C VAL A 272 -14.41 -12.53 17.09
N LEU A 273 -13.97 -12.69 18.34
CA LEU A 273 -13.17 -13.85 18.75
C LEU A 273 -13.99 -15.15 18.56
N HIS A 274 -15.29 -15.09 18.85
CA HIS A 274 -16.19 -16.25 18.75
C HIS A 274 -16.16 -16.73 17.30
N ALA A 275 -16.33 -15.79 16.37
CA ALA A 275 -16.30 -16.11 14.96
C ALA A 275 -14.94 -16.58 14.53
N ALA A 276 -13.88 -15.90 14.97
CA ALA A 276 -12.54 -16.29 14.60
C ALA A 276 -12.16 -17.71 15.03
N LEU A 277 -12.59 -18.07 16.25
CA LEU A 277 -12.36 -19.41 16.77
C LEU A 277 -13.14 -20.46 16.00
N GLY A 278 -14.33 -20.10 15.55
CA GLY A 278 -15.12 -20.96 14.64
C GLY A 278 -14.38 -21.25 13.35
N VAL A 279 -13.96 -20.18 12.69
CA VAL A 279 -13.15 -20.27 11.49
C VAL A 279 -11.88 -21.09 11.75
N GLY A 280 -11.23 -20.86 12.87
CA GLY A 280 -10.02 -21.55 13.23
C GLY A 280 -10.27 -23.06 13.42
N ALA A 281 -11.33 -23.40 14.12
CA ALA A 281 -11.71 -24.83 14.31
C ALA A 281 -11.93 -25.50 12.98
N GLY A 282 -12.56 -24.81 12.05
CA GLY A 282 -12.73 -25.30 10.68
C GLY A 282 -11.42 -25.61 9.97
N ALA A 283 -10.47 -24.68 10.03
CA ALA A 283 -9.17 -24.91 9.40
C ALA A 283 -8.42 -26.08 10.03
N LEU A 284 -8.52 -26.20 11.35
CA LEU A 284 -7.85 -27.25 12.11
C LEU A 284 -8.42 -28.60 11.67
N ALA A 285 -9.73 -28.67 11.56
CA ALA A 285 -10.38 -29.94 11.15
C ALA A 285 -10.02 -30.34 9.71
N ALA A 286 -9.87 -29.34 8.84
CA ALA A 286 -9.51 -29.57 7.46
C ALA A 286 -8.04 -29.80 7.23
N GLY A 287 -7.23 -29.61 8.26
CA GLY A 287 -5.77 -29.68 8.14
C GLY A 287 -5.20 -28.61 7.23
N GLU A 288 -5.80 -27.41 7.27
CA GLU A 288 -5.35 -26.29 6.46
C GLU A 288 -4.66 -25.25 7.33
N ARG A 289 -3.61 -24.65 6.80
CA ARG A 289 -2.97 -23.51 7.47
C ARG A 289 -3.95 -22.35 7.52
N ALA A 290 -3.97 -21.60 8.65
CA ALA A 290 -4.73 -20.36 8.69
C ALA A 290 -3.93 -19.34 9.52
N ASP A 291 -4.00 -18.09 9.07
CA ASP A 291 -3.47 -16.92 9.79
C ASP A 291 -4.58 -15.89 9.76
N ILE A 292 -5.29 -15.86 10.87
CA ILE A 292 -6.58 -15.19 11.00
C ILE A 292 -6.34 -13.90 11.79
N ALA A 293 -6.54 -12.78 11.14
CA ALA A 293 -6.45 -11.48 11.82
C ALA A 293 -7.82 -11.08 12.31
N LEU A 294 -7.90 -10.56 13.55
CA LEU A 294 -9.13 -10.12 14.08
C LEU A 294 -8.98 -8.75 14.77
N VAL A 295 -10.03 -7.95 14.71
CA VAL A 295 -10.00 -6.61 15.24
C VAL A 295 -10.43 -6.60 16.69
N VAL A 296 -9.63 -5.92 17.52
CA VAL A 296 -9.97 -5.52 18.87
C VAL A 296 -10.35 -4.03 18.79
N ALA A 297 -11.63 -3.76 18.64
CA ALA A 297 -12.05 -2.40 18.21
C ALA A 297 -11.97 -1.37 19.33
N ASP A 298 -12.09 -1.86 20.56
CA ASP A 298 -11.98 -1.01 21.76
C ASP A 298 -11.64 -1.89 22.97
N ALA A 299 -11.24 -1.22 24.03
CA ALA A 299 -10.93 -1.88 25.29
C ALA A 299 -12.13 -1.96 26.20
N GLY A 300 -11.95 -2.65 27.31
CA GLY A 300 -13.04 -2.89 28.23
C GLY A 300 -13.47 -1.71 29.10
N TRP A 301 -12.66 -0.68 29.13
CA TRP A 301 -12.88 0.47 30.02
C TRP A 301 -14.29 1.00 30.07
N LYS A 302 -14.90 1.15 28.90
CA LYS A 302 -16.20 1.78 28.81
C LYS A 302 -17.34 0.83 29.15
N TYR A 303 -17.01 -0.42 29.49
CA TYR A 303 -18.03 -1.43 29.73
C TYR A 303 -17.99 -1.92 31.19
N LEU A 304 -17.12 -1.36 32.01
CA LEU A 304 -16.99 -1.86 33.40
C LEU A 304 -18.32 -1.70 34.14
N SER A 305 -19.04 -0.62 33.86
CA SER A 305 -20.33 -0.37 34.51
C SER A 305 -21.40 -1.42 34.17
N THR A 306 -21.23 -2.18 33.10
CA THR A 306 -22.23 -3.20 32.69
C THR A 306 -22.22 -4.42 33.59
N GLY A 307 -21.10 -4.69 34.25
CA GLY A 307 -20.95 -5.92 35.05
C GLY A 307 -20.41 -7.09 34.30
N ALA A 308 -20.17 -6.91 32.99
CA ALA A 308 -19.71 -7.98 32.13
C ALA A 308 -18.35 -8.51 32.59
N TYR A 309 -17.58 -7.69 33.30
CA TYR A 309 -16.23 -8.08 33.76
C TYR A 309 -16.12 -8.42 35.24
N ALA A 310 -17.24 -8.75 35.87
CA ALA A 310 -17.22 -9.13 37.30
C ALA A 310 -16.24 -10.30 37.56
N GLY A 311 -15.75 -10.41 38.79
CA GLY A 311 -14.82 -11.51 39.13
C GLY A 311 -15.40 -12.88 38.82
N ARG B 6 5.08 -6.42 14.26
CA ARG B 6 4.19 -7.48 14.90
C ARG B 6 4.84 -8.24 16.06
N TYR B 7 4.01 -8.77 16.95
CA TYR B 7 4.44 -9.29 18.23
C TYR B 7 3.80 -10.63 18.45
N ASP B 8 4.49 -11.52 19.16
N ASP B 8 4.45 -11.55 19.16
CA ASP B 8 3.96 -12.87 19.44
CA ASP B 8 3.82 -12.86 19.43
C ASP B 8 3.30 -12.97 20.84
C ASP B 8 3.26 -12.97 20.84
N SER B 9 3.25 -11.86 21.58
CA SER B 9 2.69 -11.83 22.93
C SER B 9 2.32 -10.37 23.23
N LEU B 10 1.22 -10.15 23.94
CA LEU B 10 0.90 -8.80 24.43
C LEU B 10 2.08 -8.20 25.21
N LEU B 11 2.83 -9.04 25.92
CA LEU B 11 4.00 -8.59 26.70
C LEU B 11 5.05 -7.87 25.90
N GLN B 12 5.17 -8.18 24.62
CA GLN B 12 6.12 -7.52 23.76
C GLN B 12 5.60 -6.21 23.20
N ALA B 13 4.28 -5.98 23.22
CA ALA B 13 3.66 -4.78 22.63
C ALA B 13 3.64 -3.66 23.66
N LEU B 14 4.83 -3.31 24.09
CA LEU B 14 5.07 -2.50 25.27
C LEU B 14 6.16 -1.51 24.89
N GLY B 15 6.07 -0.28 25.41
CA GLY B 15 7.07 0.72 25.10
C GLY B 15 6.93 1.30 23.70
N ASN B 16 8.00 1.93 23.22
CA ASN B 16 7.94 2.66 21.95
C ASN B 16 6.69 3.48 21.79
N THR B 17 6.40 4.24 22.85
CA THR B 17 5.20 5.02 22.91
C THR B 17 5.35 6.36 22.18
N PRO B 18 4.24 6.92 21.70
CA PRO B 18 4.35 8.16 20.95
C PRO B 18 4.67 9.36 21.81
N LEU B 19 5.44 10.26 21.22
CA LEU B 19 5.65 11.61 21.75
C LEU B 19 4.85 12.63 20.95
N VAL B 20 3.98 13.36 21.63
CA VAL B 20 3.06 14.27 20.98
C VAL B 20 3.31 15.72 21.44
N GLY B 21 3.62 16.57 20.49
CA GLY B 21 3.83 17.98 20.73
C GLY B 21 2.53 18.68 21.06
N LEU B 22 2.54 19.52 22.10
CA LEU B 22 1.35 20.18 22.55
C LEU B 22 1.33 21.62 22.06
N GLN B 23 0.89 21.81 20.82
CA GLN B 23 0.97 23.14 20.20
C GLN B 23 0.13 24.20 20.89
N ARG B 24 -0.98 23.80 21.47
CA ARG B 24 -1.93 24.73 22.06
C ARG B 24 -1.60 25.03 23.51
N LEU B 25 -1.12 24.02 24.23
CA LEU B 25 -0.83 24.18 25.65
C LEU B 25 0.57 24.74 25.88
N SER B 26 1.44 24.60 24.91
CA SER B 26 2.85 25.06 25.06
C SER B 26 2.90 26.57 25.28
N PRO B 27 3.79 27.02 26.18
CA PRO B 27 3.84 28.48 26.36
C PRO B 27 4.13 29.25 25.07
N ARG B 28 4.99 28.69 24.22
CA ARG B 28 5.29 29.26 22.90
C ARG B 28 5.75 28.20 21.91
N TRP B 29 4.82 27.69 21.09
CA TRP B 29 5.20 26.64 20.12
C TRP B 29 6.21 27.09 19.05
N ASP B 30 6.01 28.25 18.43
CA ASP B 30 6.94 28.68 17.33
C ASP B 30 8.00 29.68 17.77
N GLY B 35 10.71 35.85 21.07
CA GLY B 35 11.78 34.97 21.57
C GLY B 35 11.73 33.48 21.18
N PRO B 36 12.61 32.67 21.78
CA PRO B 36 12.71 31.25 21.40
C PRO B 36 11.50 30.43 21.85
N HIS B 37 11.29 29.31 21.18
CA HIS B 37 10.16 28.45 21.55
C HIS B 37 10.29 27.86 22.96
N VAL B 38 9.12 27.63 23.56
CA VAL B 38 9.01 26.87 24.80
C VAL B 38 7.93 25.81 24.58
N ARG B 39 8.39 24.60 24.28
CA ARG B 39 7.52 23.52 23.82
C ARG B 39 7.36 22.44 24.87
N LEU B 40 6.15 21.91 24.95
CA LEU B 40 5.84 20.73 25.76
C LEU B 40 5.53 19.57 24.85
N TRP B 41 6.04 18.41 25.22
CA TRP B 41 5.92 17.17 24.46
C TRP B 41 5.43 16.10 25.45
N ALA B 42 4.32 15.45 25.12
CA ALA B 42 3.72 14.46 26.00
C ALA B 42 4.02 13.03 25.54
N LYS B 43 4.60 12.23 26.44
CA LYS B 43 4.95 10.85 26.11
C LYS B 43 3.80 9.94 26.61
N LEU B 44 3.10 9.26 25.67
CA LEU B 44 1.83 8.63 25.98
C LEU B 44 1.98 7.21 26.47
N GLU B 45 2.19 7.05 27.78
CA GLU B 45 2.45 5.76 28.38
C GLU B 45 1.19 4.94 28.68
N ASP B 46 0.04 5.49 28.34
CA ASP B 46 -1.16 4.67 28.34
C ASP B 46 -1.25 3.78 27.10
N ARG B 47 -0.39 4.02 26.12
CA ARG B 47 -0.30 3.12 24.94
C ARG B 47 0.60 1.92 25.27
N ASN B 48 0.11 1.07 26.15
CA ASN B 48 0.87 0.00 26.77
C ASN B 48 -0.13 -1.09 27.13
N PRO B 49 0.36 -2.31 27.36
CA PRO B 49 -0.58 -3.45 27.52
C PRO B 49 -1.79 -3.28 28.43
N THR B 50 -1.59 -2.69 29.62
CA THR B 50 -2.72 -2.50 30.53
C THR B 50 -3.04 -1.02 30.71
N GLY B 51 -2.45 -0.18 29.91
CA GLY B 51 -2.78 1.23 29.92
C GLY B 51 -2.01 2.10 30.90
N SER B 52 -0.85 1.65 31.35
CA SER B 52 -0.01 2.55 32.16
C SER B 52 1.46 2.27 32.00
N ILE B 53 2.25 3.24 32.43
CA ILE B 53 3.66 3.12 32.42
C ILE B 53 4.19 1.93 33.21
N LYS B 54 3.42 1.42 34.16
CA LYS B 54 3.89 0.34 35.03
C LYS B 54 4.10 -0.98 34.29
N ASP B 55 3.62 -1.07 33.06
CA ASP B 55 3.88 -2.27 32.26
C ASP B 55 5.40 -2.42 32.06
N ARG B 56 6.12 -1.29 31.92
CA ARG B 56 7.58 -1.37 31.76
C ARG B 56 8.30 -2.01 32.94
N PRO B 57 8.19 -1.44 34.16
CA PRO B 57 8.85 -2.08 35.28
C PRO B 57 8.28 -3.44 35.68
N ALA B 58 6.98 -3.64 35.55
CA ALA B 58 6.32 -4.87 35.98
C ALA B 58 6.85 -6.07 35.19
N VAL B 59 6.96 -5.90 33.87
CA VAL B 59 7.35 -6.98 32.98
C VAL B 59 8.84 -7.21 33.19
N ARG B 60 9.64 -6.12 33.29
CA ARG B 60 11.07 -6.29 33.54
C ARG B 60 11.38 -6.94 34.90
N MET B 61 10.64 -6.56 35.95
CA MET B 61 10.84 -7.15 37.25
C MET B 61 10.54 -8.66 37.21
N ILE B 62 9.43 -9.04 36.60
CA ILE B 62 9.12 -10.48 36.52
C ILE B 62 10.20 -11.23 35.73
N GLU B 63 10.59 -10.69 34.59
CA GLU B 63 11.53 -11.37 33.70
C GLU B 63 12.89 -11.48 34.34
N GLN B 64 13.32 -10.42 35.04
CA GLN B 64 14.55 -10.46 35.83
C GLN B 64 14.48 -11.50 36.98
N ALA B 65 13.35 -11.59 37.69
CA ALA B 65 13.19 -12.59 38.73
C ALA B 65 13.18 -14.01 38.11
N GLU B 66 12.66 -14.13 36.89
CA GLU B 66 12.71 -15.43 36.19
C GLU B 66 14.15 -15.79 35.87
N ALA B 67 14.88 -14.86 35.26
CA ALA B 67 16.32 -15.03 34.99
C ALA B 67 17.16 -15.38 36.20
N ASP B 68 16.85 -14.76 37.35
CA ASP B 68 17.59 -14.97 38.60
C ASP B 68 17.24 -16.26 39.36
N GLY B 69 16.31 -17.06 38.83
CA GLY B 69 15.87 -18.30 39.47
C GLY B 69 14.86 -18.17 40.59
N LEU B 70 14.34 -16.96 40.80
CA LEU B 70 13.45 -16.70 41.93
C LEU B 70 11.99 -17.09 41.72
N LEU B 71 11.57 -17.33 40.48
CA LEU B 71 10.18 -17.73 40.20
C LEU B 71 10.08 -19.08 39.52
N ARG B 72 9.54 -20.07 40.25
CA ARG B 72 9.20 -21.35 39.66
C ARG B 72 7.77 -21.29 39.10
N PRO B 73 7.43 -22.16 38.13
CA PRO B 73 6.06 -22.20 37.63
C PRO B 73 5.03 -22.31 38.74
N GLY B 74 3.90 -21.63 38.56
CA GLY B 74 2.83 -21.66 39.55
C GLY B 74 3.11 -20.86 40.80
N ALA B 75 4.22 -20.11 40.85
CA ALA B 75 4.56 -19.37 42.05
C ALA B 75 3.53 -18.26 42.28
N THR B 76 3.48 -17.79 43.51
CA THR B 76 2.61 -16.69 43.92
C THR B 76 3.48 -15.44 44.13
N ILE B 77 3.12 -14.38 43.43
CA ILE B 77 3.75 -13.07 43.55
C ILE B 77 2.94 -12.23 44.52
N LEU B 78 3.62 -11.42 45.31
CA LEU B 78 3.01 -10.58 46.29
C LEU B 78 3.55 -9.16 46.07
N GLU B 79 2.66 -8.17 46.00
CA GLU B 79 3.13 -6.79 45.79
C GLU B 79 2.21 -5.74 46.37
N PRO B 80 2.78 -4.75 47.09
CA PRO B 80 2.01 -3.58 47.53
C PRO B 80 1.89 -2.61 46.36
N THR B 81 0.70 -2.07 46.13
CA THR B 81 0.47 -1.25 44.92
C THR B 81 -0.65 -0.29 45.17
N SER B 82 -0.63 0.87 44.49
CA SER B 82 -1.82 1.68 44.46
C SER B 82 -2.70 1.45 43.27
N GLY B 83 -2.38 0.44 42.45
CA GLY B 83 -3.26 -0.03 41.43
C GLY B 83 -2.55 -0.39 40.14
N ASN B 84 -1.80 0.55 39.58
CA ASN B 84 -1.22 0.31 38.26
C ASN B 84 -0.23 -0.83 38.18
N THR B 85 0.69 -0.91 39.14
CA THR B 85 1.65 -1.98 39.13
C THR B 85 0.96 -3.32 39.32
N GLY B 86 0.02 -3.35 40.26
CA GLY B 86 -0.82 -4.54 40.45
C GLY B 86 -1.46 -5.03 39.17
N ILE B 87 -2.10 -4.10 38.45
CA ILE B 87 -2.76 -4.47 37.20
C ILE B 87 -1.75 -5.04 36.17
N SER B 88 -0.60 -4.38 36.03
CA SER B 88 0.43 -4.83 35.07
C SER B 88 0.94 -6.22 35.47
N LEU B 89 1.23 -6.41 36.75
CA LEU B 89 1.63 -7.74 37.24
C LEU B 89 0.52 -8.78 37.05
N ALA B 90 -0.73 -8.37 37.20
CA ALA B 90 -1.84 -9.32 37.06
C ALA B 90 -1.91 -9.79 35.63
N MET B 91 -1.72 -8.88 34.69
CA MET B 91 -1.71 -9.23 33.27
C MET B 91 -0.56 -10.21 32.98
N ALA B 92 0.63 -9.88 33.44
CA ALA B 92 1.81 -10.70 33.15
C ALA B 92 1.71 -12.07 33.80
N ALA B 93 1.18 -12.09 35.02
CA ALA B 93 0.93 -13.35 35.76
C ALA B 93 -0.06 -14.30 35.03
N ARG B 94 -1.08 -13.76 34.38
CA ARG B 94 -1.96 -14.58 33.52
C ARG B 94 -1.25 -15.20 32.31
N LEU B 95 -0.32 -14.48 31.72
CA LEU B 95 0.39 -14.97 30.56
C LEU B 95 1.45 -15.99 31.00
N LYS B 96 2.01 -15.80 32.21
CA LYS B 96 3.15 -16.61 32.64
C LYS B 96 2.83 -17.72 33.62
N GLY B 97 1.60 -17.82 34.07
CA GLY B 97 1.15 -18.86 34.97
C GLY B 97 1.43 -18.66 36.45
N TYR B 98 1.48 -17.40 36.90
CA TYR B 98 1.68 -17.14 38.32
C TYR B 98 0.38 -16.69 38.94
N ARG B 99 0.29 -16.82 40.24
CA ARG B 99 -0.78 -16.23 41.01
C ARG B 99 -0.28 -14.88 41.54
N LEU B 100 -1.21 -14.00 41.87
CA LEU B 100 -0.86 -12.67 42.40
C LEU B 100 -1.74 -12.29 43.58
N ILE B 101 -1.09 -11.81 44.64
CA ILE B 101 -1.71 -11.18 45.77
C ILE B 101 -1.21 -9.72 45.77
N CYS B 102 -2.14 -8.77 45.69
CA CYS B 102 -1.83 -7.34 45.79
C CYS B 102 -2.28 -6.86 47.14
N VAL B 103 -1.49 -5.99 47.76
CA VAL B 103 -1.95 -5.19 48.87
C VAL B 103 -2.14 -3.79 48.39
N MET B 104 -3.37 -3.29 48.51
CA MET B 104 -3.75 -2.02 47.92
C MET B 104 -4.58 -1.23 48.95
N PRO B 105 -4.31 0.08 49.12
CA PRO B 105 -5.15 0.84 50.05
C PRO B 105 -6.64 0.81 49.72
N GLU B 106 -7.46 0.76 50.75
CA GLU B 106 -8.88 0.64 50.56
C GLU B 106 -9.48 1.87 49.87
N ASN B 107 -8.83 3.03 49.95
CA ASN B 107 -9.38 4.26 49.39
C ASN B 107 -8.80 4.52 47.98
N THR B 108 -8.98 3.53 47.13
CA THR B 108 -8.50 3.59 45.73
C THR B 108 -9.74 3.44 44.84
N SER B 109 -9.58 3.80 43.57
CA SER B 109 -10.74 3.87 42.68
C SER B 109 -11.34 2.47 42.45
N VAL B 110 -12.66 2.40 42.30
CA VAL B 110 -13.33 1.12 42.05
C VAL B 110 -12.85 0.45 40.76
N GLU B 111 -12.52 1.26 39.74
CA GLU B 111 -12.02 0.69 38.50
C GLU B 111 -10.78 -0.18 38.74
N ARG B 112 -9.92 0.25 39.63
CA ARG B 112 -8.73 -0.51 39.95
C ARG B 112 -9.07 -1.88 40.50
N ARG B 113 -9.98 -1.95 41.47
N ARG B 113 -9.99 -1.91 41.47
CA ARG B 113 -10.35 -3.27 42.00
CA ARG B 113 -10.47 -3.17 42.04
C ARG B 113 -11.07 -4.11 40.96
C ARG B 113 -11.07 -4.08 40.98
N GLN B 114 -11.88 -3.51 40.11
CA GLN B 114 -12.53 -4.29 39.04
C GLN B 114 -11.54 -4.94 38.10
N LEU B 115 -10.53 -4.18 37.70
CA LEU B 115 -9.51 -4.70 36.81
C LEU B 115 -8.71 -5.81 37.46
N LEU B 116 -8.29 -5.59 38.69
CA LEU B 116 -7.55 -6.60 39.40
C LEU B 116 -8.32 -7.91 39.56
N GLU B 117 -9.61 -7.81 39.91
CA GLU B 117 -10.46 -9.01 40.08
C GLU B 117 -10.68 -9.71 38.74
N LEU B 118 -10.85 -8.94 37.68
CA LEU B 118 -10.99 -9.51 36.35
C LEU B 118 -9.77 -10.34 35.94
N TYR B 119 -8.56 -9.84 36.21
CA TYR B 119 -7.33 -10.57 35.96
C TYR B 119 -7.05 -11.69 36.97
N GLY B 120 -7.87 -11.80 38.01
CA GLY B 120 -7.76 -12.91 38.95
C GLY B 120 -6.80 -12.69 40.12
N ALA B 121 -6.38 -11.45 40.39
CA ALA B 121 -5.54 -11.17 41.57
C ALA B 121 -6.36 -11.21 42.83
N GLN B 122 -5.75 -11.69 43.92
CA GLN B 122 -6.35 -11.56 45.26
C GLN B 122 -5.95 -10.17 45.73
N ILE B 123 -6.87 -9.44 46.33
CA ILE B 123 -6.57 -8.13 46.86
C ILE B 123 -6.80 -8.05 48.36
N ILE B 124 -5.77 -7.64 49.11
CA ILE B 124 -5.88 -7.32 50.52
C ILE B 124 -5.98 -5.80 50.60
N PHE B 125 -7.10 -5.30 51.09
CA PHE B 125 -7.31 -3.85 51.14
C PHE B 125 -6.82 -3.29 52.48
N SER B 126 -5.68 -2.64 52.43
CA SER B 126 -5.03 -2.11 53.62
C SER B 126 -5.74 -0.82 54.06
N ALA B 127 -5.58 -0.48 55.34
CA ALA B 127 -6.26 0.67 55.89
C ALA B 127 -5.84 1.94 55.17
N ALA B 128 -6.78 2.86 54.96
CA ALA B 128 -6.48 4.15 54.31
C ALA B 128 -5.45 4.98 55.09
N GLU B 129 -5.50 4.88 56.41
CA GLU B 129 -4.56 5.61 57.26
C GLU B 129 -3.10 5.19 57.01
N GLY B 130 -2.25 6.13 56.60
CA GLY B 130 -0.87 5.82 56.25
C GLY B 130 -0.63 5.38 54.78
N GLY B 131 -1.71 5.25 54.01
CA GLY B 131 -1.62 5.05 52.55
C GLY B 131 -0.63 4.01 52.10
N SER B 132 0.32 4.40 51.24
CA SER B 132 1.31 3.50 50.70
C SER B 132 2.22 2.92 51.73
N ASN B 133 2.58 3.69 52.75
CA ASN B 133 3.43 3.15 53.79
C ASN B 133 2.71 1.98 54.43
N THR B 134 1.42 2.09 54.65
CA THR B 134 0.62 1.01 55.27
C THR B 134 0.53 -0.22 54.35
N ALA B 135 0.30 0.03 53.06
CA ALA B 135 0.31 -1.10 52.11
C ALA B 135 1.63 -1.84 52.07
N VAL B 136 2.74 -1.09 52.01
CA VAL B 136 4.05 -1.70 52.02
C VAL B 136 4.36 -2.47 53.32
N ALA B 137 4.05 -1.89 54.48
CA ALA B 137 4.30 -2.58 55.76
C ALA B 137 3.48 -3.85 55.79
N THR B 138 2.24 -3.76 55.32
CA THR B 138 1.34 -4.93 55.25
C THR B 138 1.89 -6.02 54.37
N ALA B 139 2.37 -5.66 53.17
CA ALA B 139 2.96 -6.62 52.30
C ALA B 139 4.19 -7.27 52.92
N LYS B 140 5.03 -6.47 53.59
CA LYS B 140 6.21 -7.04 54.26
C LYS B 140 5.79 -8.04 55.35
N GLU B 141 4.71 -7.73 56.06
CA GLU B 141 4.17 -8.65 57.08
C GLU B 141 3.69 -9.96 56.48
N LEU B 142 3.02 -9.87 55.33
CA LEU B 142 2.57 -11.07 54.63
C LEU B 142 3.76 -11.88 54.13
N ALA B 143 4.78 -11.19 53.62
CA ALA B 143 5.94 -11.86 53.08
C ALA B 143 6.60 -12.68 54.18
N ALA B 144 6.63 -12.14 55.38
CA ALA B 144 7.30 -12.80 56.52
C ALA B 144 6.49 -13.99 57.02
N THR B 145 5.17 -13.97 56.85
CA THR B 145 4.33 -15.08 57.30
C THR B 145 4.35 -16.24 56.29
N ASN B 146 4.65 -15.95 55.02
CA ASN B 146 4.70 -16.95 53.98
C ASN B 146 5.84 -16.68 53.02
N PRO B 147 7.06 -17.16 53.38
CA PRO B 147 8.31 -17.02 52.59
C PRO B 147 8.28 -17.61 51.19
N SER B 148 7.33 -18.47 50.89
CA SER B 148 7.22 -18.99 49.53
C SER B 148 6.66 -17.93 48.55
N TRP B 149 5.97 -16.91 49.07
CA TRP B 149 5.45 -15.84 48.18
C TRP B 149 6.63 -14.97 47.73
N VAL B 150 6.63 -14.56 46.47
CA VAL B 150 7.71 -13.79 45.92
C VAL B 150 7.33 -12.30 45.80
N MET B 151 7.97 -11.46 46.61
CA MET B 151 7.70 -10.01 46.51
C MET B 151 8.78 -9.35 45.67
N LEU B 152 8.41 -8.84 44.52
CA LEU B 152 9.37 -8.22 43.60
C LEU B 152 9.85 -6.87 44.15
N TYR B 153 8.96 -6.21 44.88
CA TYR B 153 9.26 -4.97 45.63
C TYR B 153 9.65 -3.79 44.72
N GLN B 154 8.63 -3.21 44.12
CA GLN B 154 8.82 -2.17 43.12
C GLN B 154 9.55 -0.93 43.63
N TYR B 155 9.54 -0.72 44.94
CA TYR B 155 10.17 0.46 45.54
C TYR B 155 11.68 0.31 45.72
N GLY B 156 12.17 -0.91 45.56
CA GLY B 156 13.60 -1.22 45.73
C GLY B 156 14.24 -2.05 44.63
N ASN B 157 13.48 -2.49 43.65
CA ASN B 157 13.95 -3.43 42.63
C ASN B 157 14.57 -2.66 41.46
N PRO B 158 15.87 -2.87 41.21
CA PRO B 158 16.56 -2.10 40.18
C PRO B 158 16.06 -2.38 38.75
N ALA B 159 15.37 -3.51 38.52
CA ALA B 159 14.74 -3.74 37.25
C ALA B 159 13.65 -2.69 36.94
N ASN B 160 13.06 -2.07 37.97
CA ASN B 160 12.12 -0.95 37.77
C ASN B 160 12.87 0.23 37.10
N THR B 161 13.89 0.74 37.76
CA THR B 161 14.72 1.80 37.17
C THR B 161 15.28 1.45 35.81
N ASP B 162 15.78 0.23 35.67
CA ASP B 162 16.37 -0.18 34.41
C ASP B 162 15.41 -0.23 33.24
N SER B 163 14.12 -0.47 33.50
CA SER B 163 13.15 -0.47 32.45
C SER B 163 13.07 0.89 31.79
N HIS B 164 13.29 1.94 32.60
CA HIS B 164 13.31 3.28 32.10
C HIS B 164 14.67 3.70 31.53
N TYR B 165 15.74 3.21 32.13
CA TYR B 165 17.11 3.47 31.61
C TYR B 165 17.27 2.87 30.21
N CYS B 166 16.65 1.70 29.99
CA CYS B 166 16.76 0.97 28.74
C CYS B 166 15.60 1.21 27.75
N GLY B 167 14.54 1.87 28.19
CA GLY B 167 13.32 1.99 27.40
C GLY B 167 12.93 3.43 27.26
N THR B 168 12.35 3.97 28.32
CA THR B 168 11.82 5.30 28.29
C THR B 168 12.85 6.36 27.85
N GLY B 169 14.03 6.29 28.43
CA GLY B 169 15.07 7.27 28.22
C GLY B 169 15.56 7.27 26.77
N PRO B 170 15.92 6.09 26.26
CA PRO B 170 16.41 5.99 24.87
C PRO B 170 15.37 6.43 23.87
N GLU B 171 14.09 6.12 24.13
CA GLU B 171 13.03 6.51 23.23
C GLU B 171 12.86 8.02 23.22
N LEU B 172 12.99 8.65 24.37
CA LEU B 172 12.88 10.10 24.45
C LEU B 172 14.00 10.79 23.71
N LEU B 173 15.21 10.28 23.88
CA LEU B 173 16.35 10.91 23.26
C LEU B 173 16.26 10.76 21.71
N ALA B 174 15.76 9.62 21.25
CA ALA B 174 15.57 9.40 19.82
C ALA B 174 14.53 10.35 19.22
N ASP B 175 13.41 10.55 19.94
CA ASP B 175 12.34 11.34 19.44
C ASP B 175 12.56 12.84 19.65
N LEU B 176 13.32 13.20 20.67
CA LEU B 176 13.48 14.59 21.09
C LEU B 176 14.95 14.80 21.49
N PRO B 177 15.86 14.72 20.49
CA PRO B 177 17.26 14.98 20.80
C PRO B 177 17.55 16.36 21.36
N GLU B 178 16.69 17.32 21.06
CA GLU B 178 16.78 18.70 21.55
C GLU B 178 16.24 18.90 22.97
N ILE B 179 15.88 17.81 23.64
CA ILE B 179 15.31 17.90 24.99
C ILE B 179 16.12 18.76 25.93
N THR B 180 15.42 19.62 26.65
CA THR B 180 16.02 20.40 27.73
C THR B 180 15.57 20.00 29.13
N HIS B 181 14.36 19.45 29.26
CA HIS B 181 13.81 19.08 30.58
C HIS B 181 13.00 17.80 30.43
N PHE B 182 13.02 16.99 31.49
CA PHE B 182 12.15 15.81 31.57
C PHE B 182 11.38 15.95 32.90
N VAL B 183 10.05 15.82 32.80
CA VAL B 183 9.15 16.01 33.95
C VAL B 183 8.28 14.77 34.12
N ALA B 184 8.23 14.24 35.34
CA ALA B 184 7.42 13.04 35.62
C ALA B 184 7.05 13.03 37.09
N GLY B 185 6.08 12.18 37.43
CA GLY B 185 5.68 11.97 38.82
C GLY B 185 6.78 11.20 39.55
N LEU B 186 6.82 11.40 40.87
CA LEU B 186 7.77 10.74 41.75
C LEU B 186 7.03 9.83 42.72
N GLY B 187 7.04 8.52 42.42
CA GLY B 187 6.32 7.52 43.20
C GLY B 187 7.31 6.47 43.69
N THR B 188 7.48 5.38 42.92
CA THR B 188 8.57 4.43 43.20
C THR B 188 9.91 5.10 42.94
N THR B 189 9.89 6.17 42.12
CA THR B 189 11.06 6.91 41.61
C THR B 189 11.73 6.28 40.40
N GLY B 190 11.29 5.10 39.97
CA GLY B 190 11.90 4.46 38.83
C GLY B 190 11.91 5.25 37.55
N THR B 191 10.79 5.91 37.24
CA THR B 191 10.72 6.67 36.01
C THR B 191 11.79 7.75 35.95
N LEU B 192 11.81 8.58 37.00
CA LEU B 192 12.76 9.67 37.04
C LEU B 192 14.20 9.16 37.23
N MET B 193 14.42 8.13 38.03
CA MET B 193 15.80 7.65 38.23
C MET B 193 16.41 7.07 36.96
N GLY B 194 15.66 6.17 36.29
CA GLY B 194 16.12 5.57 35.07
C GLY B 194 16.17 6.46 33.87
N THR B 195 15.07 7.16 33.58
CA THR B 195 15.07 8.08 32.49
C THR B 195 16.11 9.19 32.72
N GLY B 196 16.19 9.67 33.94
CA GLY B 196 17.04 10.80 34.26
C GLY B 196 18.51 10.42 34.22
N ARG B 197 18.86 9.24 34.71
CA ARG B 197 20.23 8.78 34.60
C ARG B 197 20.63 8.66 33.12
N PHE B 198 19.78 8.03 32.32
CA PHE B 198 20.08 7.92 30.88
C PHE B 198 20.21 9.29 30.20
N LEU B 199 19.27 10.21 30.45
CA LEU B 199 19.32 11.49 29.82
C LEU B 199 20.56 12.32 30.23
N ARG B 200 20.92 12.25 31.50
CA ARG B 200 22.12 12.96 31.98
C ARG B 200 23.41 12.43 31.33
N GLU B 201 23.43 11.17 30.94
CA GLU B 201 24.60 10.62 30.26
C GLU B 201 24.74 11.12 28.82
N HIS B 202 23.67 11.63 28.22
CA HIS B 202 23.63 11.96 26.80
C HIS B 202 23.37 13.41 26.49
N VAL B 203 22.81 14.13 27.44
CA VAL B 203 22.33 15.45 27.15
C VAL B 203 22.93 16.42 28.11
N ALA B 204 23.88 17.20 27.58
CA ALA B 204 24.54 18.19 28.35
C ALA B 204 23.45 19.08 28.84
N ASN B 205 23.47 19.34 30.15
CA ASN B 205 22.71 20.41 30.72
C ASN B 205 21.22 20.09 30.96
N VAL B 206 20.85 18.83 30.77
CA VAL B 206 19.42 18.46 30.91
C VAL B 206 18.92 18.63 32.33
N LYS B 207 17.66 19.06 32.49
CA LYS B 207 17.04 19.25 33.80
C LYS B 207 16.00 18.14 34.00
N ILE B 208 16.01 17.55 35.19
CA ILE B 208 15.13 16.44 35.56
C ILE B 208 14.25 16.94 36.68
N VAL B 209 12.95 17.01 36.44
CA VAL B 209 12.06 17.64 37.37
C VAL B 209 10.94 16.69 37.84
N ALA B 210 10.80 16.56 39.16
CA ALA B 210 9.79 15.70 39.81
C ALA B 210 8.54 16.47 40.16
N ALA B 211 7.39 15.85 39.93
CA ALA B 211 6.15 16.27 40.55
C ALA B 211 5.72 15.26 41.60
N GLU B 212 5.40 15.74 42.80
CA GLU B 212 4.93 14.84 43.85
C GLU B 212 3.69 15.37 44.55
N PRO B 213 2.88 14.46 45.10
CA PRO B 213 1.64 14.92 45.75
C PRO B 213 1.95 15.73 47.00
N ARG B 214 1.21 16.80 47.18
CA ARG B 214 1.36 17.67 48.35
C ARG B 214 0.86 16.98 49.63
N PHE B 229 7.70 6.92 53.50
CA PHE B 229 9.07 6.40 53.45
C PHE B 229 9.79 6.86 52.18
N VAL B 230 11.10 6.61 52.13
CA VAL B 230 11.90 6.95 50.95
C VAL B 230 12.23 5.64 50.23
N PRO B 231 11.75 5.49 48.98
CA PRO B 231 12.07 4.29 48.26
C PRO B 231 13.56 4.06 48.14
N GLU B 232 13.96 2.80 48.28
CA GLU B 232 15.36 2.43 48.13
C GLU B 232 15.92 2.76 46.74
N LEU B 233 15.06 2.84 45.72
CA LEU B 233 15.51 3.24 44.37
C LEU B 233 15.91 4.72 44.25
N TYR B 234 15.52 5.53 45.22
CA TYR B 234 15.68 6.99 45.10
C TYR B 234 17.13 7.43 45.24
N ASP B 235 17.60 8.19 44.25
CA ASP B 235 18.93 8.81 44.26
C ASP B 235 18.70 10.32 44.09
N PRO B 236 18.80 11.09 45.17
CA PRO B 236 18.42 12.53 45.08
C PRO B 236 19.22 13.32 44.06
N GLU B 237 20.45 12.86 43.76
CA GLU B 237 21.35 13.62 42.89
C GLU B 237 20.93 13.53 41.40
N ILE B 238 19.97 12.65 41.07
CA ILE B 238 19.45 12.64 39.72
C ILE B 238 18.49 13.81 39.44
N LEU B 239 17.82 14.34 40.46
CA LEU B 239 16.83 15.40 40.24
C LEU B 239 17.47 16.78 40.24
N THR B 240 17.00 17.65 39.36
CA THR B 240 17.26 19.08 39.47
C THR B 240 16.37 19.73 40.53
N ALA B 241 15.07 19.39 40.54
CA ALA B 241 14.11 20.01 41.45
C ALA B 241 12.90 19.11 41.66
N ARG B 242 12.20 19.33 42.77
CA ARG B 242 10.98 18.58 43.13
C ARG B 242 9.89 19.61 43.36
N TYR B 243 8.75 19.44 42.73
CA TYR B 243 7.61 20.32 42.97
C TYR B 243 6.51 19.51 43.59
N SER B 244 5.90 20.04 44.65
CA SER B 244 4.76 19.37 45.22
C SER B 244 3.49 20.01 44.66
N VAL B 245 2.52 19.16 44.30
CA VAL B 245 1.33 19.63 43.61
C VAL B 245 0.09 19.19 44.36
N GLY B 246 -0.84 20.13 44.57
CA GLY B 246 -2.10 19.78 45.22
C GLY B 246 -3.09 19.07 44.31
N ALA B 247 -4.01 18.29 44.89
CA ALA B 247 -4.98 17.58 44.07
C ALA B 247 -5.83 18.49 43.18
N VAL B 248 -6.22 19.66 43.69
CA VAL B 248 -7.07 20.59 42.92
C VAL B 248 -6.34 21.07 41.66
N ASP B 249 -5.09 21.48 41.81
CA ASP B 249 -4.32 21.89 40.63
C ASP B 249 -4.11 20.71 39.65
N ALA B 250 -3.90 19.52 40.18
CA ALA B 250 -3.74 18.33 39.32
C ALA B 250 -5.04 18.09 38.51
N VAL B 251 -6.17 18.14 39.18
CA VAL B 251 -7.49 18.02 38.50
C VAL B 251 -7.66 19.13 37.47
N ARG B 252 -7.45 20.39 37.84
CA ARG B 252 -7.63 21.44 36.82
C ARG B 252 -6.72 21.25 35.60
N ARG B 253 -5.46 20.85 35.77
CA ARG B 253 -4.58 20.66 34.62
C ARG B 253 -4.96 19.42 33.77
N THR B 254 -5.43 18.38 34.42
CA THR B 254 -5.86 17.16 33.73
C THR B 254 -7.01 17.55 32.81
N ARG B 255 -7.93 18.35 33.35
CA ARG B 255 -9.07 18.87 32.56
C ARG B 255 -8.60 19.78 31.43
N GLU B 256 -7.66 20.66 31.74
CA GLU B 256 -7.11 21.51 30.71
C GLU B 256 -6.47 20.73 29.56
N LEU B 257 -5.76 19.66 29.88
CA LEU B 257 -5.07 18.85 28.87
C LEU B 257 -6.09 18.20 27.93
N VAL B 258 -7.14 17.65 28.48
CA VAL B 258 -8.15 17.04 27.60
C VAL B 258 -8.87 18.11 26.76
N HIS B 259 -9.15 19.27 27.36
CA HIS B 259 -9.85 20.37 26.62
C HIS B 259 -9.04 21.01 25.50
N THR B 260 -7.73 21.13 25.69
CA THR B 260 -6.88 21.86 24.80
C THR B 260 -6.17 20.96 23.80
N GLU B 261 -5.82 19.72 24.19
CA GLU B 261 -5.03 18.84 23.36
C GLU B 261 -5.72 17.49 23.08
N GLY B 262 -6.83 17.24 23.75
CA GLY B 262 -7.66 16.04 23.50
C GLY B 262 -7.20 14.79 24.19
N ILE B 263 -6.14 14.87 24.97
CA ILE B 263 -5.53 13.73 25.65
C ILE B 263 -6.26 13.53 26.95
N PHE B 264 -6.91 12.36 27.07
CA PHE B 264 -7.68 11.96 28.26
C PHE B 264 -6.77 11.22 29.23
N ALA B 265 -6.15 11.98 30.13
CA ALA B 265 -5.11 11.45 31.02
C ALA B 265 -5.59 11.23 32.43
N GLY B 266 -4.81 10.49 33.20
CA GLY B 266 -5.06 10.28 34.61
C GLY B 266 -4.65 11.51 35.42
N ILE B 267 -4.87 11.45 36.72
CA ILE B 267 -4.66 12.62 37.57
C ILE B 267 -3.19 12.96 37.73
N SER B 268 -2.30 11.95 37.80
CA SER B 268 -0.87 12.28 37.97
C SER B 268 -0.38 13.11 36.80
N THR B 269 -0.91 12.88 35.61
CA THR B 269 -0.53 13.66 34.46
C THR B 269 -0.84 15.15 34.65
N GLY B 270 -2.00 15.47 35.25
CA GLY B 270 -2.30 16.84 35.56
C GLY B 270 -1.25 17.46 36.49
N ALA B 271 -0.78 16.70 37.48
CA ALA B 271 0.24 17.22 38.39
C ALA B 271 1.56 17.44 37.66
N VAL B 272 1.93 16.48 36.81
CA VAL B 272 3.12 16.62 35.97
C VAL B 272 2.99 17.84 35.07
N LEU B 273 1.82 18.03 34.48
CA LEU B 273 1.61 19.17 33.61
C LEU B 273 1.71 20.48 34.39
N HIS B 274 1.20 20.49 35.60
CA HIS B 274 1.31 21.70 36.44
C HIS B 274 2.79 22.08 36.62
N ALA B 275 3.61 21.09 36.92
CA ALA B 275 5.02 21.32 37.06
C ALA B 275 5.68 21.74 35.76
N ALA B 276 5.32 21.07 34.66
CA ALA B 276 5.91 21.35 33.40
C ALA B 276 5.56 22.76 32.94
N LEU B 277 4.34 23.20 33.23
CA LEU B 277 3.90 24.53 32.82
C LEU B 277 4.65 25.57 33.68
N GLY B 278 4.94 25.25 34.94
CA GLY B 278 5.80 26.13 35.77
C GLY B 278 7.20 26.31 35.18
N VAL B 279 7.79 25.19 34.83
CA VAL B 279 9.11 25.16 34.20
C VAL B 279 9.08 25.97 32.93
N GLY B 280 8.02 25.75 32.11
CA GLY B 280 7.94 26.43 30.85
C GLY B 280 7.75 27.95 30.99
N ALA B 281 6.93 28.35 31.96
CA ALA B 281 6.68 29.79 32.23
C ALA B 281 7.98 30.45 32.65
N GLY B 282 8.82 29.72 33.37
CA GLY B 282 10.14 30.23 33.76
C GLY B 282 11.06 30.42 32.58
N ALA B 283 11.11 29.44 31.69
CA ALA B 283 11.93 29.55 30.48
C ALA B 283 11.45 30.73 29.63
N LEU B 284 10.15 30.86 29.47
CA LEU B 284 9.57 31.91 28.62
C LEU B 284 9.98 33.29 29.18
N ALA B 285 9.82 33.44 30.49
CA ALA B 285 10.13 34.73 31.16
C ALA B 285 11.59 35.07 31.05
N ALA B 286 12.46 34.06 31.02
CA ALA B 286 13.89 34.23 30.84
C ALA B 286 14.38 34.35 29.41
N GLY B 287 13.48 34.24 28.42
CA GLY B 287 13.91 34.26 27.01
C GLY B 287 14.75 33.08 26.62
N GLU B 288 14.49 31.90 27.23
CA GLU B 288 15.30 30.75 26.96
C GLU B 288 14.53 29.70 26.20
N ARG B 289 15.19 29.01 25.28
CA ARG B 289 14.54 27.95 24.52
C ARG B 289 14.33 26.77 25.46
N ALA B 290 13.18 26.10 25.38
CA ALA B 290 13.00 24.86 26.13
C ALA B 290 12.17 23.85 25.31
N ASP B 291 12.54 22.60 25.48
CA ASP B 291 11.79 21.46 24.92
C ASP B 291 11.62 20.49 26.06
N ILE B 292 10.42 20.54 26.61
CA ILE B 292 10.08 19.91 27.90
C ILE B 292 9.26 18.66 27.62
N ALA B 293 9.84 17.49 27.91
CA ALA B 293 9.12 16.21 27.77
C ALA B 293 8.44 15.86 29.10
N LEU B 294 7.17 15.43 29.05
CA LEU B 294 6.42 15.14 30.27
C LEU B 294 5.68 13.81 30.07
N VAL B 295 5.57 13.04 31.15
CA VAL B 295 4.97 11.74 31.07
C VAL B 295 3.47 11.81 31.29
N VAL B 296 2.73 11.14 30.41
CA VAL B 296 1.32 10.83 30.58
C VAL B 296 1.27 9.36 31.04
N ALA B 297 1.23 9.11 32.34
CA ALA B 297 1.51 7.77 32.86
C ALA B 297 0.37 6.81 32.68
N ASP B 298 -0.85 7.33 32.65
CA ASP B 298 -2.01 6.53 32.38
C ASP B 298 -3.15 7.44 31.89
N ALA B 299 -4.21 6.81 31.41
CA ALA B 299 -5.37 7.53 30.90
C ALA B 299 -6.40 7.77 31.97
N GLY B 300 -7.46 8.48 31.62
CA GLY B 300 -8.46 8.88 32.61
C GLY B 300 -9.41 7.75 32.99
N TRP B 301 -9.36 6.62 32.28
CA TRP B 301 -10.40 5.57 32.41
C TRP B 301 -10.62 5.10 33.85
N LYS B 302 -9.53 4.90 34.59
CA LYS B 302 -9.64 4.41 35.98
C LYS B 302 -9.99 5.47 36.99
N TYR B 303 -10.26 6.70 36.53
CA TYR B 303 -10.52 7.81 37.43
C TYR B 303 -11.93 8.42 37.19
N LEU B 304 -12.71 7.84 36.30
CA LEU B 304 -14.04 8.40 35.99
C LEU B 304 -14.92 8.42 37.24
N SER B 305 -14.79 7.37 38.04
CA SER B 305 -15.60 7.24 39.28
C SER B 305 -15.31 8.32 40.34
N THR B 306 -14.19 9.05 40.21
CA THR B 306 -13.85 10.08 41.19
C THR B 306 -14.63 11.37 41.02
N GLY B 307 -15.26 11.54 39.88
CA GLY B 307 -15.93 12.80 39.58
C GLY B 307 -15.04 13.89 39.04
N ALA B 308 -13.73 13.66 38.93
CA ALA B 308 -12.82 14.68 38.45
C ALA B 308 -13.06 15.17 37.00
N TYR B 309 -13.75 14.37 36.20
CA TYR B 309 -13.92 14.70 34.77
C TYR B 309 -15.36 15.11 34.46
N ALA B 310 -16.08 15.55 35.47
CA ALA B 310 -17.51 15.85 35.28
C ALA B 310 -17.64 17.18 34.54
N HIS C 3 -11.96 -6.23 -10.12
CA HIS C 3 -10.77 -5.35 -9.88
C HIS C 3 -9.76 -5.98 -8.91
N MET C 4 -8.58 -6.17 -9.42
CA MET C 4 -7.45 -6.57 -8.67
C MET C 4 -6.55 -5.35 -8.66
N ALA C 5 -5.93 -5.08 -7.53
CA ALA C 5 -5.01 -3.99 -7.45
C ALA C 5 -3.60 -4.43 -7.80
N ARG C 6 -3.32 -5.71 -7.63
CA ARG C 6 -2.07 -6.29 -8.05
C ARG C 6 -2.38 -7.71 -8.53
N TYR C 7 -1.44 -8.33 -9.20
CA TYR C 7 -1.71 -9.58 -9.94
C TYR C 7 -0.76 -10.64 -9.47
N ASP C 8 -1.15 -11.92 -9.63
CA ASP C 8 -0.20 -13.01 -9.40
C ASP C 8 0.05 -13.86 -10.67
N SER C 9 -0.36 -13.31 -11.82
CA SER C 9 -0.04 -13.87 -13.09
C SER C 9 -0.13 -12.76 -14.16
N LEU C 10 0.76 -12.78 -15.14
CA LEU C 10 0.70 -11.83 -16.22
C LEU C 10 -0.65 -11.85 -16.95
N LEU C 11 -1.29 -13.02 -16.96
CA LEU C 11 -2.57 -13.19 -17.62
C LEU C 11 -3.64 -12.31 -17.06
N GLN C 12 -3.53 -11.92 -15.80
CA GLN C 12 -4.50 -11.01 -15.18
C GLN C 12 -4.31 -9.56 -15.57
N ALA C 13 -3.09 -9.18 -16.01
CA ALA C 13 -2.75 -7.80 -16.34
C ALA C 13 -3.04 -7.51 -17.81
N LEU C 14 -4.31 -7.61 -18.12
CA LEU C 14 -4.82 -7.64 -19.46
C LEU C 14 -6.13 -6.86 -19.44
N GLY C 15 -6.38 -6.13 -20.51
CA GLY C 15 -7.57 -5.28 -20.55
C GLY C 15 -7.44 -4.07 -19.66
N ASN C 16 -8.58 -3.46 -19.38
CA ASN C 16 -8.62 -2.17 -18.70
C ASN C 16 -7.61 -1.20 -19.27
N THR C 17 -7.58 -1.15 -20.59
CA THR C 17 -6.61 -0.36 -21.29
C THR C 17 -7.00 1.12 -21.32
N PRO C 18 -6.04 2.01 -21.47
CA PRO C 18 -6.38 3.42 -21.47
C PRO C 18 -7.08 3.94 -22.72
N LEU C 19 -7.89 4.97 -22.50
CA LEU C 19 -8.55 5.72 -23.58
C LEU C 19 -8.00 7.14 -23.60
N VAL C 20 -7.42 7.51 -24.73
CA VAL C 20 -6.65 8.74 -24.79
C VAL C 20 -7.24 9.66 -25.85
N GLY C 21 -7.59 10.87 -25.44
CA GLY C 21 -8.16 11.85 -26.37
C GLY C 21 -7.11 12.32 -27.36
N LEU C 22 -7.48 12.42 -28.63
CA LEU C 22 -6.57 12.94 -29.66
C LEU C 22 -6.93 14.39 -30.00
N GLN C 23 -6.37 15.31 -29.22
CA GLN C 23 -6.71 16.73 -29.29
C GLN C 23 -6.21 17.40 -30.57
N ARG C 24 -5.05 16.98 -31.07
CA ARG C 24 -4.50 17.55 -32.31
C ARG C 24 -5.16 17.00 -33.57
N LEU C 25 -5.45 15.70 -33.58
CA LEU C 25 -5.99 15.05 -34.76
C LEU C 25 -7.51 15.16 -34.87
N SER C 26 -8.20 15.40 -33.77
CA SER C 26 -9.66 15.50 -33.78
C SER C 26 -10.09 16.66 -34.71
N PRO C 27 -11.11 16.42 -35.55
CA PRO C 27 -11.63 17.53 -36.38
C PRO C 27 -11.96 18.81 -35.58
N ARG C 28 -12.56 18.67 -34.40
CA ARG C 28 -12.76 19.82 -33.52
C ARG C 28 -12.82 19.39 -32.05
N TRP C 29 -11.75 19.68 -31.30
CA TRP C 29 -11.69 19.20 -29.91
C TRP C 29 -12.63 19.96 -28.99
N ASP C 30 -12.73 21.27 -29.19
CA ASP C 30 -13.47 22.15 -28.29
C ASP C 30 -14.83 22.54 -28.87
N ASP C 31 -15.89 22.46 -28.04
CA ASP C 31 -17.22 23.00 -28.44
C ASP C 31 -17.12 24.48 -28.73
N ASP C 34 -18.73 27.78 -33.87
CA ASP C 34 -18.56 26.94 -35.05
C ASP C 34 -19.44 25.69 -35.07
N GLY C 35 -19.85 25.21 -33.91
CA GLY C 35 -20.60 23.96 -33.81
C GLY C 35 -20.01 23.03 -32.76
N PRO C 36 -20.68 21.89 -32.52
CA PRO C 36 -20.28 21.05 -31.40
C PRO C 36 -19.00 20.25 -31.69
N HIS C 37 -18.37 19.73 -30.64
CA HIS C 37 -17.08 19.05 -30.81
C HIS C 37 -17.15 17.79 -31.68
N VAL C 38 -16.02 17.47 -32.31
CA VAL C 38 -15.87 16.22 -33.05
C VAL C 38 -14.57 15.56 -32.59
N ARG C 39 -14.71 14.63 -31.63
CA ARG C 39 -13.57 14.08 -30.89
C ARG C 39 -13.25 12.64 -31.25
N LEU C 40 -11.94 12.40 -31.41
CA LEU C 40 -11.36 11.07 -31.51
C LEU C 40 -10.72 10.66 -30.18
N TRP C 41 -10.98 9.43 -29.78
CA TRP C 41 -10.42 8.82 -28.56
C TRP C 41 -9.79 7.50 -28.95
N ALA C 42 -8.53 7.30 -28.59
CA ALA C 42 -7.79 6.08 -28.92
C ALA C 42 -7.74 5.13 -27.73
N LYS C 43 -8.21 3.91 -27.95
CA LYS C 43 -8.14 2.83 -26.96
C LYS C 43 -6.81 2.03 -27.20
N LEU C 44 -5.91 2.03 -26.21
CA LEU C 44 -4.55 1.54 -26.43
C LEU C 44 -4.43 0.07 -26.08
N GLU C 45 -4.75 -0.80 -27.04
CA GLU C 45 -4.72 -2.24 -26.86
C GLU C 45 -3.34 -2.85 -26.94
N ASP C 46 -2.35 -2.02 -27.19
CA ASP C 46 -0.94 -2.44 -27.05
C ASP C 46 -0.49 -2.49 -25.60
N ARG C 47 -1.29 -1.95 -24.68
CA ARG C 47 -1.05 -2.06 -23.23
C ARG C 47 -1.67 -3.34 -22.70
N ASN C 48 -1.20 -4.44 -23.24
CA ASN C 48 -1.70 -5.77 -22.97
C ASN C 48 -0.43 -6.65 -22.92
N PRO C 49 -0.51 -7.81 -22.25
CA PRO C 49 0.66 -8.66 -22.00
C PRO C 49 1.62 -8.84 -23.17
N THR C 50 1.12 -9.15 -24.38
CA THR C 50 2.02 -9.34 -25.55
C THR C 50 1.99 -8.18 -26.54
N GLY C 51 1.30 -7.10 -26.17
CA GLY C 51 1.28 -5.90 -26.96
C GLY C 51 0.23 -5.88 -28.06
N SER C 52 -0.81 -6.72 -27.96
CA SER C 52 -1.94 -6.55 -28.89
C SER C 52 -3.26 -6.89 -28.26
N ILE C 53 -4.31 -6.47 -28.96
CA ILE C 53 -5.68 -6.78 -28.59
C ILE C 53 -5.99 -8.26 -28.52
N LYS C 54 -5.21 -9.09 -29.26
CA LYS C 54 -5.48 -10.51 -29.30
C LYS C 54 -5.27 -11.20 -27.97
N ASP C 55 -4.63 -10.54 -27.02
CA ASP C 55 -4.57 -11.11 -25.65
C ASP C 55 -5.98 -11.37 -25.10
N ARG C 56 -6.94 -10.48 -25.40
CA ARG C 56 -8.33 -10.66 -24.96
C ARG C 56 -8.96 -11.96 -25.46
N PRO C 57 -9.06 -12.19 -26.80
CA PRO C 57 -9.71 -13.43 -27.26
C PRO C 57 -8.89 -14.66 -27.01
N ALA C 58 -7.57 -14.54 -27.03
CA ALA C 58 -6.71 -15.70 -26.91
C ALA C 58 -6.91 -16.31 -25.51
N VAL C 59 -6.84 -15.46 -24.49
CA VAL C 59 -6.96 -15.94 -23.11
C VAL C 59 -8.36 -16.50 -22.88
N ARG C 60 -9.39 -15.80 -23.35
CA ARG C 60 -10.76 -16.29 -23.19
C ARG C 60 -11.01 -17.60 -23.92
N MET C 61 -10.48 -17.75 -25.15
CA MET C 61 -10.64 -19.00 -25.87
C MET C 61 -10.00 -20.16 -25.13
N ILE C 62 -8.82 -19.95 -24.55
CA ILE C 62 -8.18 -21.01 -23.82
C ILE C 62 -9.03 -21.34 -22.58
N GLU C 63 -9.42 -20.31 -21.85
CA GLU C 63 -10.16 -20.50 -20.60
C GLU C 63 -11.50 -21.17 -20.84
N GLN C 64 -12.19 -20.78 -21.91
CA GLN C 64 -13.46 -21.43 -22.29
C GLN C 64 -13.28 -22.90 -22.67
N ALA C 65 -12.18 -23.23 -23.35
CA ALA C 65 -11.91 -24.62 -23.69
C ALA C 65 -11.61 -25.43 -22.44
N GLU C 66 -10.94 -24.81 -21.48
CA GLU C 66 -10.60 -25.46 -20.21
C GLU C 66 -11.88 -25.76 -19.43
N ALA C 67 -12.76 -24.76 -19.34
CA ALA C 67 -14.09 -24.92 -18.73
C ALA C 67 -14.89 -26.01 -19.43
N ASP C 68 -14.81 -26.07 -20.76
CA ASP C 68 -15.52 -27.10 -21.51
C ASP C 68 -14.84 -28.48 -21.46
N GLY C 69 -13.73 -28.61 -20.73
CA GLY C 69 -13.05 -29.89 -20.61
C GLY C 69 -12.37 -30.38 -21.88
N LEU C 70 -12.08 -29.45 -22.81
CA LEU C 70 -11.41 -29.79 -24.06
C LEU C 70 -9.89 -29.79 -23.92
N LEU C 71 -9.37 -29.14 -22.88
CA LEU C 71 -7.93 -29.07 -22.67
C LEU C 71 -7.41 -29.82 -21.45
N ARG C 72 -6.61 -30.85 -21.73
CA ARG C 72 -5.98 -31.65 -20.71
C ARG C 72 -4.59 -31.05 -20.51
N PRO C 73 -4.00 -31.25 -19.33
CA PRO C 73 -2.64 -30.75 -19.07
C PRO C 73 -1.62 -31.26 -20.10
N GLY C 74 -0.71 -30.39 -20.53
CA GLY C 74 0.26 -30.73 -21.57
C GLY C 74 -0.32 -30.92 -22.97
N ALA C 75 -1.58 -30.55 -23.19
CA ALA C 75 -2.20 -30.71 -24.52
C ALA C 75 -1.55 -29.79 -25.54
N THR C 76 -1.74 -30.12 -26.82
CA THR C 76 -1.21 -29.29 -27.94
C THR C 76 -2.33 -28.48 -28.56
N ILE C 77 -2.13 -27.18 -28.60
CA ILE C 77 -3.04 -26.22 -29.26
C ILE C 77 -2.50 -25.92 -30.66
N LEU C 78 -3.42 -25.84 -31.62
CA LEU C 78 -3.08 -25.64 -33.04
C LEU C 78 -3.89 -24.45 -33.51
N GLU C 79 -3.26 -23.45 -34.12
CA GLU C 79 -4.02 -22.30 -34.57
C GLU C 79 -3.40 -21.62 -35.82
N PRO C 80 -4.23 -21.30 -36.83
CA PRO C 80 -3.76 -20.47 -37.93
C PRO C 80 -3.77 -19.00 -37.51
N THR C 81 -2.72 -18.26 -37.85
CA THR C 81 -2.58 -16.89 -37.42
C THR C 81 -1.72 -16.10 -38.41
N SER C 82 -1.90 -14.79 -38.43
CA SER C 82 -1.01 -13.87 -39.11
C SER C 82 0.01 -13.25 -38.14
N GLY C 83 -0.04 -13.64 -36.86
CA GLY C 83 0.99 -13.27 -35.90
C GLY C 83 0.44 -12.99 -34.51
N ASN C 84 -0.42 -12.00 -34.40
CA ASN C 84 -0.85 -11.50 -33.08
C ASN C 84 -1.55 -12.55 -32.26
N THR C 85 -2.49 -13.27 -32.83
CA THR C 85 -3.19 -14.30 -32.04
C THR C 85 -2.23 -15.41 -31.62
N GLY C 86 -1.34 -15.81 -32.53
CA GLY C 86 -0.32 -16.79 -32.22
C GLY C 86 0.55 -16.40 -31.04
N ILE C 87 1.00 -15.15 -31.04
CA ILE C 87 1.84 -14.62 -29.98
C ILE C 87 1.09 -14.65 -28.63
N SER C 88 -0.17 -14.21 -28.67
CA SER C 88 -1.03 -14.20 -27.46
C SER C 88 -1.23 -15.63 -26.92
N LEU C 89 -1.59 -16.57 -27.81
CA LEU C 89 -1.72 -17.97 -27.44
C LEU C 89 -0.42 -18.59 -26.94
N ALA C 90 0.70 -18.20 -27.55
CA ALA C 90 1.99 -18.75 -27.14
C ALA C 90 2.31 -18.33 -25.68
N MET C 91 2.12 -17.05 -25.36
CA MET C 91 2.29 -16.55 -23.99
C MET C 91 1.39 -17.29 -23.02
N ALA C 92 0.11 -17.36 -23.33
CA ALA C 92 -0.88 -18.00 -22.45
C ALA C 92 -0.64 -19.49 -22.33
N ALA C 93 -0.27 -20.18 -23.42
CA ALA C 93 0.00 -21.62 -23.38
C ALA C 93 1.20 -21.97 -22.53
N ARG C 94 2.24 -21.15 -22.64
CA ARG C 94 3.43 -21.26 -21.79
C ARG C 94 3.03 -21.25 -20.30
N LEU C 95 2.21 -20.28 -19.94
CA LEU C 95 1.82 -20.07 -18.54
C LEU C 95 0.85 -21.13 -18.05
N LYS C 96 0.07 -21.71 -18.96
CA LYS C 96 -0.89 -22.72 -18.58
C LYS C 96 -0.43 -24.15 -18.84
N GLY C 97 0.76 -24.32 -19.41
CA GLY C 97 1.36 -25.64 -19.57
C GLY C 97 0.95 -26.39 -20.83
N TYR C 98 0.53 -25.64 -21.86
CA TYR C 98 0.21 -26.30 -23.14
C TYR C 98 1.29 -26.03 -24.17
N ARG C 99 1.37 -26.91 -25.19
CA ARG C 99 2.24 -26.73 -26.33
C ARG C 99 1.41 -26.02 -27.41
N LEU C 100 2.07 -25.25 -28.26
CA LEU C 100 1.35 -24.51 -29.32
C LEU C 100 2.06 -24.74 -30.65
N ILE C 101 1.26 -25.06 -31.67
CA ILE C 101 1.69 -25.07 -33.06
C ILE C 101 0.87 -24.01 -33.82
N CYS C 102 1.58 -23.03 -34.39
CA CYS C 102 0.97 -21.98 -35.21
C CYS C 102 1.23 -22.28 -36.66
N VAL C 103 0.22 -22.04 -37.49
CA VAL C 103 0.40 -22.05 -38.94
C VAL C 103 0.29 -20.60 -39.35
N MET C 104 1.37 -20.07 -39.93
CA MET C 104 1.42 -18.65 -40.24
C MET C 104 2.04 -18.46 -41.64
N PRO C 105 1.51 -17.52 -42.42
CA PRO C 105 2.10 -17.37 -43.75
C PRO C 105 3.57 -17.01 -43.74
N GLU C 106 4.27 -17.52 -44.73
CA GLU C 106 5.70 -17.27 -44.85
C GLU C 106 6.01 -15.79 -45.06
N ASN C 107 5.12 -15.01 -45.64
CA ASN C 107 5.42 -13.59 -45.91
C ASN C 107 4.90 -12.71 -44.75
N THR C 108 5.39 -12.99 -43.55
CA THR C 108 5.05 -12.20 -42.36
C THR C 108 6.34 -11.59 -41.82
N SER C 109 6.21 -10.53 -41.02
CA SER C 109 7.38 -9.82 -40.48
C SER C 109 8.27 -10.70 -39.60
N VAL C 110 9.57 -10.47 -39.66
CA VAL C 110 10.53 -11.26 -38.86
C VAL C 110 10.22 -11.12 -37.35
N GLU C 111 9.74 -9.95 -36.93
CA GLU C 111 9.45 -9.74 -35.49
C GLU C 111 8.39 -10.73 -34.98
N ARG C 112 7.42 -11.05 -35.82
CA ARG C 112 6.41 -12.08 -35.47
C ARG C 112 7.02 -13.45 -35.23
N ARG C 113 7.85 -13.88 -36.18
CA ARG C 113 8.62 -15.12 -35.99
C ARG C 113 9.43 -15.11 -34.72
N GLN C 114 10.13 -14.01 -34.45
CA GLN C 114 10.98 -13.95 -33.29
C GLN C 114 10.20 -14.09 -31.99
N LEU C 115 9.07 -13.39 -31.90
CA LEU C 115 8.25 -13.47 -30.69
C LEU C 115 7.67 -14.85 -30.49
N LEU C 116 7.20 -15.46 -31.57
CA LEU C 116 6.64 -16.80 -31.46
C LEU C 116 7.67 -17.81 -30.96
N GLU C 117 8.85 -17.81 -31.53
CA GLU C 117 9.87 -18.74 -31.15
C GLU C 117 10.37 -18.45 -29.75
N LEU C 118 10.43 -17.18 -29.36
CA LEU C 118 10.86 -16.86 -28.01
C LEU C 118 9.95 -17.44 -26.94
N TYR C 119 8.62 -17.40 -27.15
CA TYR C 119 7.65 -18.07 -26.32
C TYR C 119 7.57 -19.59 -26.46
N GLY C 120 8.28 -20.14 -27.44
CA GLY C 120 8.39 -21.58 -27.62
C GLY C 120 7.27 -22.15 -28.46
N ALA C 121 6.57 -21.31 -29.22
CA ALA C 121 5.60 -21.86 -30.18
C ALA C 121 6.38 -22.53 -31.32
N GLN C 122 5.85 -23.64 -31.83
CA GLN C 122 6.32 -24.22 -33.09
C GLN C 122 5.59 -23.56 -34.23
N ILE C 123 6.30 -23.22 -35.29
CA ILE C 123 5.69 -22.53 -36.42
C ILE C 123 5.78 -23.41 -37.66
N ILE C 124 4.65 -23.47 -38.38
CA ILE C 124 4.60 -24.01 -39.71
C ILE C 124 4.28 -22.84 -40.62
N PHE C 125 5.20 -22.55 -41.54
CA PHE C 125 5.07 -21.41 -42.43
C PHE C 125 4.36 -21.84 -43.72
N SER C 126 3.08 -21.51 -43.81
CA SER C 126 2.28 -21.88 -44.94
C SER C 126 2.63 -20.99 -46.16
N ALA C 127 2.35 -21.49 -47.36
CA ALA C 127 2.74 -20.79 -48.58
C ALA C 127 2.21 -19.36 -48.69
N ALA C 128 3.07 -18.44 -49.09
CA ALA C 128 2.69 -17.03 -49.17
C ALA C 128 1.51 -16.85 -50.08
N GLU C 129 1.51 -17.59 -51.20
CA GLU C 129 0.49 -17.49 -52.26
C GLU C 129 -0.91 -17.20 -51.76
N GLY C 130 -1.45 -18.08 -50.92
CA GLY C 130 -2.85 -17.90 -50.52
C GLY C 130 -3.07 -17.19 -49.20
N GLY C 131 -2.02 -16.61 -48.66
CA GLY C 131 -2.09 -15.82 -47.41
C GLY C 131 -2.81 -16.53 -46.27
N SER C 132 -3.67 -15.78 -45.56
CA SER C 132 -4.42 -16.32 -44.43
C SER C 132 -5.29 -17.52 -44.80
N ASN C 133 -5.88 -17.49 -45.99
CA ASN C 133 -6.72 -18.60 -46.44
C ASN C 133 -5.96 -19.93 -46.49
N THR C 134 -4.73 -19.87 -46.99
CA THR C 134 -3.83 -21.05 -47.03
C THR C 134 -3.40 -21.51 -45.63
N ALA C 135 -3.14 -20.57 -44.73
CA ALA C 135 -2.81 -20.93 -43.35
C ALA C 135 -3.98 -21.65 -42.69
N VAL C 136 -5.20 -21.13 -42.89
CA VAL C 136 -6.38 -21.76 -42.36
C VAL C 136 -6.62 -23.15 -42.94
N ALA C 137 -6.50 -23.27 -44.27
CA ALA C 137 -6.66 -24.56 -44.93
C ALA C 137 -5.70 -25.59 -44.34
N THR C 138 -4.46 -25.15 -44.17
CA THR C 138 -3.42 -26.01 -43.64
C THR C 138 -3.73 -26.46 -42.21
N ALA C 139 -4.12 -25.52 -41.37
CA ALA C 139 -4.48 -25.85 -40.01
C ALA C 139 -5.65 -26.85 -39.96
N LYS C 140 -6.68 -26.64 -40.79
CA LYS C 140 -7.79 -27.60 -40.86
C LYS C 140 -7.33 -28.97 -41.26
N GLU C 141 -6.40 -29.06 -42.21
CA GLU C 141 -5.81 -30.35 -42.59
C GLU C 141 -5.05 -31.03 -41.43
N LEU C 142 -4.25 -30.26 -40.70
CA LEU C 142 -3.54 -30.75 -39.52
C LEU C 142 -4.51 -31.21 -38.43
N ALA C 143 -5.57 -30.45 -38.19
CA ALA C 143 -6.56 -30.79 -37.16
C ALA C 143 -7.22 -32.12 -37.49
N ALA C 144 -7.54 -32.31 -38.76
CA ALA C 144 -8.23 -33.52 -39.21
C ALA C 144 -7.33 -34.75 -39.09
N THR C 145 -6.04 -34.53 -39.25
CA THR C 145 -4.96 -35.56 -39.20
C THR C 145 -4.60 -35.94 -37.76
N ASN C 146 -4.77 -35.00 -36.85
CA ASN C 146 -4.27 -35.08 -35.48
C ASN C 146 -5.41 -34.72 -34.51
N PRO C 147 -6.34 -35.65 -34.29
CA PRO C 147 -7.51 -35.34 -33.46
C PRO C 147 -7.22 -34.95 -32.01
N SER C 148 -6.07 -35.28 -31.46
CA SER C 148 -5.78 -34.85 -30.09
C SER C 148 -5.34 -33.39 -30.01
N TRP C 149 -4.95 -32.81 -31.14
CA TRP C 149 -4.62 -31.38 -31.13
C TRP C 149 -5.92 -30.56 -31.04
N VAL C 150 -5.89 -29.50 -30.25
CA VAL C 150 -7.05 -28.68 -30.04
C VAL C 150 -6.91 -27.40 -30.89
N MET C 151 -7.75 -27.23 -31.90
CA MET C 151 -7.77 -25.97 -32.64
C MET C 151 -8.93 -25.12 -32.13
N LEU C 152 -8.61 -23.99 -31.52
CA LEU C 152 -9.60 -23.07 -30.96
C LEU C 152 -10.39 -22.36 -32.05
N TYR C 153 -9.69 -22.04 -33.14
CA TYR C 153 -10.25 -21.52 -34.36
C TYR C 153 -10.89 -20.15 -34.16
N GLN C 154 -10.01 -19.13 -34.14
CA GLN C 154 -10.39 -17.77 -33.81
C GLN C 154 -11.43 -17.14 -34.74
N TYR C 155 -11.52 -17.66 -35.96
CA TYR C 155 -12.48 -17.14 -36.92
C TYR C 155 -13.91 -17.58 -36.65
N GLY C 156 -14.07 -18.64 -35.86
CA GLY C 156 -15.43 -19.17 -35.51
C GLY C 156 -15.78 -19.30 -34.02
N ASN C 157 -14.88 -18.86 -33.14
CA ASN C 157 -14.98 -19.18 -31.73
C ASN C 157 -15.68 -18.06 -30.99
N PRO C 158 -16.90 -18.34 -30.46
CA PRO C 158 -17.65 -17.30 -29.76
C PRO C 158 -16.94 -16.67 -28.58
N ALA C 159 -15.96 -17.36 -27.99
CA ALA C 159 -15.19 -16.75 -26.90
C ALA C 159 -14.37 -15.53 -27.39
N ASN C 160 -14.07 -15.49 -28.70
CA ASN C 160 -13.40 -14.35 -29.28
C ASN C 160 -14.32 -13.15 -29.17
N THR C 161 -15.49 -13.22 -29.81
CA THR C 161 -16.49 -12.17 -29.64
C THR C 161 -16.81 -11.89 -28.18
N ASP C 162 -16.97 -12.92 -27.36
CA ASP C 162 -17.32 -12.72 -25.94
C ASP C 162 -16.29 -11.89 -25.17
N SER C 163 -15.00 -11.99 -25.51
CA SER C 163 -13.98 -11.22 -24.80
C SER C 163 -14.19 -9.72 -24.97
N HIS C 164 -14.75 -9.34 -26.11
CA HIS C 164 -15.00 -7.95 -26.39
C HIS C 164 -16.36 -7.48 -25.85
N TYR C 165 -17.32 -8.40 -25.85
CA TYR C 165 -18.63 -8.14 -25.25
C TYR C 165 -18.50 -7.94 -23.74
N CYS C 166 -17.62 -8.74 -23.10
CA CYS C 166 -17.41 -8.67 -21.66
C CYS C 166 -16.29 -7.73 -21.23
N GLY C 167 -15.44 -7.29 -22.17
CA GLY C 167 -14.26 -6.51 -21.82
C GLY C 167 -14.20 -5.15 -22.49
N THR C 168 -13.80 -5.15 -23.76
CA THR C 168 -13.62 -3.93 -24.55
C THR C 168 -14.84 -2.97 -24.53
N GLY C 169 -16.01 -3.53 -24.76
CA GLY C 169 -17.28 -2.75 -24.80
C GLY C 169 -17.58 -2.10 -23.47
N PRO C 170 -17.64 -2.91 -22.40
CA PRO C 170 -17.88 -2.31 -21.09
C PRO C 170 -16.89 -1.25 -20.71
N GLU C 171 -15.61 -1.47 -21.01
CA GLU C 171 -14.60 -0.47 -20.70
C GLU C 171 -14.83 0.84 -21.43
N LEU C 172 -15.16 0.75 -22.71
CA LEU C 172 -15.41 1.93 -23.52
C LEU C 172 -16.62 2.74 -22.99
N LEU C 173 -17.68 2.03 -22.65
CA LEU C 173 -18.88 2.66 -22.09
C LEU C 173 -18.60 3.35 -20.76
N ALA C 174 -17.78 2.72 -19.90
CA ALA C 174 -17.39 3.33 -18.62
C ALA C 174 -16.54 4.60 -18.79
N ASP C 175 -15.59 4.58 -19.73
CA ASP C 175 -14.70 5.71 -19.94
C ASP C 175 -15.29 6.82 -20.82
N LEU C 176 -16.19 6.44 -21.71
CA LEU C 176 -16.75 7.34 -22.71
C LEU C 176 -18.26 7.09 -22.79
N PRO C 177 -18.97 7.39 -21.69
CA PRO C 177 -20.44 7.21 -21.73
C PRO C 177 -21.09 7.95 -22.89
N GLU C 178 -20.52 9.11 -23.27
CA GLU C 178 -21.03 9.93 -24.38
C GLU C 178 -20.69 9.41 -25.80
N ILE C 179 -20.17 8.19 -25.89
CA ILE C 179 -19.73 7.61 -27.17
C ILE C 179 -20.83 7.64 -28.23
N THR C 180 -20.48 8.09 -29.41
CA THR C 180 -21.39 8.09 -30.54
C THR C 180 -20.98 7.12 -31.67
N HIS C 181 -19.68 6.79 -31.75
CA HIS C 181 -19.17 5.93 -32.82
C HIS C 181 -18.06 5.04 -32.27
N PHE C 182 -18.01 3.79 -32.72
CA PHE C 182 -16.86 2.89 -32.47
C PHE C 182 -16.26 2.43 -33.80
N VAL C 183 -14.95 2.61 -33.97
CA VAL C 183 -14.24 2.22 -35.19
C VAL C 183 -13.11 1.24 -34.86
N ALA C 184 -13.05 0.15 -35.60
CA ALA C 184 -12.02 -0.85 -35.42
C ALA C 184 -11.82 -1.61 -36.72
N GLY C 185 -10.68 -2.30 -36.80
CA GLY C 185 -10.40 -3.20 -37.91
C GLY C 185 -11.33 -4.38 -37.93
N LEU C 186 -11.56 -4.91 -39.12
CA LEU C 186 -12.37 -6.09 -39.33
C LEU C 186 -11.55 -7.28 -39.85
N GLY C 187 -11.23 -8.23 -38.97
CA GLY C 187 -10.43 -9.40 -39.32
C GLY C 187 -11.12 -10.71 -38.99
N THR C 188 -10.94 -11.19 -37.75
CA THR C 188 -11.79 -12.28 -37.26
C THR C 188 -13.26 -11.79 -37.12
N THR C 189 -13.40 -10.48 -36.94
CA THR C 189 -14.66 -9.74 -36.67
C THR C 189 -15.02 -9.73 -35.18
N GLY C 190 -14.24 -10.41 -34.33
CA GLY C 190 -14.56 -10.43 -32.90
C GLY C 190 -14.67 -9.09 -32.25
N THR C 191 -13.75 -8.15 -32.55
CA THR C 191 -13.72 -6.85 -31.92
C THR C 191 -15.03 -6.11 -32.22
N LEU C 192 -15.37 -6.04 -33.51
CA LEU C 192 -16.58 -5.28 -33.91
C LEU C 192 -17.85 -5.99 -33.47
N MET C 193 -17.91 -7.30 -33.65
CA MET C 193 -19.12 -8.05 -33.28
C MET C 193 -19.39 -7.92 -31.76
N GLY C 194 -18.38 -8.16 -30.93
CA GLY C 194 -18.56 -8.17 -29.49
C GLY C 194 -18.71 -6.78 -28.91
N THR C 195 -17.82 -5.85 -29.30
CA THR C 195 -17.90 -4.49 -28.80
C THR C 195 -19.19 -3.88 -29.35
N GLY C 196 -19.44 -4.09 -30.64
CA GLY C 196 -20.63 -3.51 -31.30
C GLY C 196 -21.94 -4.00 -30.69
N ARG C 197 -22.06 -5.30 -30.45
CA ARG C 197 -23.28 -5.84 -29.84
C ARG C 197 -23.48 -5.19 -28.47
N PHE C 198 -22.45 -5.17 -27.64
CA PHE C 198 -22.58 -4.57 -26.33
C PHE C 198 -22.97 -3.11 -26.39
N LEU C 199 -22.30 -2.34 -27.25
CA LEU C 199 -22.54 -0.93 -27.34
C LEU C 199 -23.96 -0.63 -27.84
N ARG C 200 -24.42 -1.39 -28.84
CA ARG C 200 -25.78 -1.24 -29.40
C ARG C 200 -26.87 -1.51 -28.35
N GLU C 201 -26.61 -2.45 -27.43
CA GLU C 201 -27.51 -2.74 -26.32
C GLU C 201 -27.53 -1.67 -25.22
N HIS C 202 -26.49 -0.82 -25.16
CA HIS C 202 -26.39 0.16 -24.08
C HIS C 202 -26.46 1.63 -24.55
N VAL C 203 -26.41 1.86 -25.85
CA VAL C 203 -26.25 3.23 -26.37
C VAL C 203 -27.13 3.44 -27.60
N ALA C 204 -28.08 4.36 -27.47
CA ALA C 204 -29.07 4.62 -28.52
C ALA C 204 -28.41 5.20 -29.76
N ASN C 205 -28.66 4.58 -30.91
CA ASN C 205 -28.14 5.03 -32.21
C ASN C 205 -26.61 5.19 -32.27
N VAL C 206 -25.89 4.35 -31.54
CA VAL C 206 -24.43 4.32 -31.62
C VAL C 206 -24.08 3.75 -32.99
N LYS C 207 -23.01 4.26 -33.62
CA LYS C 207 -22.58 3.73 -34.91
C LYS C 207 -21.33 2.84 -34.74
N ILE C 208 -21.33 1.72 -35.45
CA ILE C 208 -20.28 0.71 -35.41
C ILE C 208 -19.66 0.65 -36.80
N VAL C 209 -18.42 1.14 -36.90
CA VAL C 209 -17.76 1.34 -38.18
C VAL C 209 -16.52 0.43 -38.35
N ALA C 210 -16.53 -0.36 -39.42
CA ALA C 210 -15.43 -1.24 -39.73
C ALA C 210 -14.43 -0.61 -40.71
N ALA C 211 -13.14 -0.88 -40.49
CA ALA C 211 -12.11 -0.58 -41.47
C ALA C 211 -11.56 -1.91 -41.93
N GLU C 212 -11.53 -2.14 -43.25
CA GLU C 212 -11.02 -3.39 -43.79
C GLU C 212 -9.99 -3.11 -44.85
N PRO C 213 -9.05 -4.05 -45.04
CA PRO C 213 -8.03 -3.81 -46.04
C PRO C 213 -8.62 -3.86 -47.45
N ARG C 214 -8.04 -3.11 -48.37
CA ARG C 214 -8.43 -3.15 -49.78
C ARG C 214 -7.36 -3.94 -50.54
N VAL C 230 -14.72 -15.06 -45.42
CA VAL C 230 -15.74 -14.50 -44.50
C VAL C 230 -15.94 -15.29 -43.17
N PRO C 231 -15.50 -14.71 -42.03
CA PRO C 231 -15.52 -15.49 -40.79
C PRO C 231 -16.92 -15.82 -40.26
N GLU C 232 -17.01 -16.99 -39.65
CA GLU C 232 -18.22 -17.55 -39.05
C GLU C 232 -18.74 -16.67 -37.90
N LEU C 233 -17.86 -15.88 -37.27
CA LEU C 233 -18.29 -14.93 -36.26
C LEU C 233 -19.05 -13.72 -36.78
N TYR C 234 -18.94 -13.45 -38.09
CA TYR C 234 -19.46 -12.22 -38.68
C TYR C 234 -21.01 -12.20 -38.71
N ASP C 235 -21.57 -11.11 -38.22
CA ASP C 235 -23.00 -10.87 -38.25
C ASP C 235 -23.17 -9.55 -39.00
N PRO C 236 -23.70 -9.62 -40.23
CA PRO C 236 -23.84 -8.39 -41.03
C PRO C 236 -24.78 -7.33 -40.46
N GLU C 237 -25.51 -7.63 -39.38
CA GLU C 237 -26.46 -6.68 -38.79
C GLU C 237 -25.82 -5.67 -37.83
N ILE C 238 -24.61 -5.97 -37.33
CA ILE C 238 -23.99 -5.16 -36.28
C ILE C 238 -23.38 -3.86 -36.80
N LEU C 239 -22.74 -3.93 -37.96
CA LEU C 239 -22.06 -2.77 -38.54
C LEU C 239 -23.04 -1.75 -39.11
N THR C 240 -22.81 -0.47 -38.84
CA THR C 240 -23.58 0.59 -39.50
C THR C 240 -22.84 1.16 -40.70
N ALA C 241 -21.51 0.99 -40.74
CA ALA C 241 -20.71 1.46 -41.87
C ALA C 241 -19.43 0.64 -42.01
N ARG C 242 -18.78 0.77 -43.17
CA ARG C 242 -17.75 -0.17 -43.58
C ARG C 242 -16.83 0.43 -44.65
N TYR C 243 -15.61 0.80 -44.25
CA TYR C 243 -14.60 1.42 -45.14
C TYR C 243 -13.53 0.40 -45.59
N SER C 244 -13.21 0.41 -46.88
CA SER C 244 -12.06 -0.30 -47.43
C SER C 244 -10.89 0.65 -47.43
N VAL C 245 -9.77 0.26 -46.82
CA VAL C 245 -8.60 1.13 -46.79
C VAL C 245 -7.40 0.47 -47.47
N GLY C 246 -6.76 1.23 -48.35
CA GLY C 246 -5.56 0.79 -49.04
C GLY C 246 -4.33 0.93 -48.15
N ALA C 247 -3.28 0.19 -48.50
CA ALA C 247 -2.09 0.10 -47.66
C ALA C 247 -1.32 1.42 -47.54
N VAL C 248 -1.34 2.22 -48.61
CA VAL C 248 -0.66 3.51 -48.61
C VAL C 248 -1.33 4.51 -47.70
N ASP C 249 -2.66 4.56 -47.75
CA ASP C 249 -3.43 5.39 -46.84
C ASP C 249 -3.23 4.91 -45.39
N ALA C 250 -3.17 3.59 -45.17
CA ALA C 250 -2.99 3.06 -43.80
C ALA C 250 -1.64 3.50 -43.28
N VAL C 251 -0.61 3.36 -44.13
CA VAL C 251 0.74 3.74 -43.77
C VAL C 251 0.81 5.23 -43.49
N ARG C 252 0.19 6.04 -44.34
CA ARG C 252 0.32 7.48 -44.17
C ARG C 252 -0.38 7.96 -42.89
N ARG C 253 -1.53 7.40 -42.54
CA ARG C 253 -2.24 7.75 -41.32
C ARG C 253 -1.48 7.26 -40.06
N THR C 254 -0.84 6.10 -40.17
CA THR C 254 -0.02 5.53 -39.05
C THR C 254 1.09 6.51 -38.69
N ARG C 255 1.75 7.02 -39.72
CA ARG C 255 2.79 8.04 -39.59
C ARG C 255 2.25 9.35 -39.09
N GLU C 256 1.08 9.77 -39.56
CA GLU C 256 0.48 10.99 -39.07
C GLU C 256 0.10 10.89 -37.59
N LEU C 257 -0.36 9.73 -37.14
CA LEU C 257 -0.73 9.56 -35.74
C LEU C 257 0.51 9.67 -34.84
N VAL C 258 1.64 9.09 -35.24
CA VAL C 258 2.81 9.13 -34.40
C VAL C 258 3.36 10.55 -34.39
N HIS C 259 3.30 11.24 -35.55
CA HIS C 259 3.80 12.61 -35.63
C HIS C 259 2.96 13.63 -34.90
N THR C 260 1.65 13.43 -34.81
CA THR C 260 0.79 14.43 -34.20
C THR C 260 0.35 14.07 -32.79
N GLU C 261 0.21 12.79 -32.47
CA GLU C 261 -0.29 12.39 -31.15
C GLU C 261 0.72 11.58 -30.32
N GLY C 262 1.88 11.32 -30.92
CA GLY C 262 2.94 10.57 -30.27
C GLY C 262 2.77 9.06 -30.15
N ILE C 263 1.63 8.55 -30.59
CA ILE C 263 1.28 7.15 -30.47
C ILE C 263 1.91 6.36 -31.61
N PHE C 264 2.75 5.39 -31.24
CA PHE C 264 3.52 4.55 -32.19
C PHE C 264 2.74 3.27 -32.41
N ALA C 265 1.84 3.30 -33.40
CA ALA C 265 0.88 2.25 -33.63
C ALA C 265 1.28 1.38 -34.81
N GLY C 266 0.66 0.19 -34.86
CA GLY C 266 0.78 -0.72 -35.97
C GLY C 266 -0.04 -0.24 -37.18
N ILE C 267 0.09 -0.96 -38.28
CA ILE C 267 -0.49 -0.50 -39.56
C ILE C 267 -2.01 -0.52 -39.55
N SER C 268 -2.61 -1.51 -38.87
CA SER C 268 -4.09 -1.57 -38.84
C SER C 268 -4.65 -0.29 -38.23
N THR C 269 -3.95 0.30 -37.27
CA THR C 269 -4.39 1.53 -36.63
C THR C 269 -4.49 2.70 -37.62
N GLY C 270 -3.56 2.76 -38.58
CA GLY C 270 -3.62 3.77 -39.62
C GLY C 270 -4.91 3.66 -40.41
N ALA C 271 -5.29 2.43 -40.75
CA ALA C 271 -6.52 2.19 -41.49
C ALA C 271 -7.73 2.57 -40.68
N VAL C 272 -7.74 2.16 -39.42
CA VAL C 272 -8.78 2.56 -38.49
C VAL C 272 -8.91 4.09 -38.36
N LEU C 273 -7.79 4.79 -38.29
CA LEU C 273 -7.76 6.24 -38.17
C LEU C 273 -8.35 6.90 -39.44
N HIS C 274 -8.01 6.31 -40.58
CA HIS C 274 -8.50 6.78 -41.89
C HIS C 274 -10.00 6.78 -41.90
N ALA C 275 -10.59 5.66 -41.49
CA ALA C 275 -12.05 5.56 -41.37
C ALA C 275 -12.61 6.53 -40.31
N ALA C 276 -11.97 6.60 -39.16
CA ALA C 276 -12.42 7.46 -38.09
C ALA C 276 -12.43 8.93 -38.50
N LEU C 277 -11.44 9.32 -39.29
CA LEU C 277 -11.35 10.72 -39.76
C LEU C 277 -12.43 11.03 -40.83
N GLY C 278 -12.80 10.01 -41.61
CA GLY C 278 -13.93 10.12 -42.55
C GLY C 278 -15.25 10.26 -41.83
N VAL C 279 -15.46 9.41 -40.83
CA VAL C 279 -16.63 9.50 -39.97
C VAL C 279 -16.71 10.86 -39.28
N GLY C 280 -15.58 11.34 -38.79
CA GLY C 280 -15.52 12.65 -38.13
C GLY C 280 -15.78 13.83 -39.07
N ALA C 281 -15.29 13.74 -40.31
CA ALA C 281 -15.46 14.81 -41.30
C ALA C 281 -16.94 14.99 -41.65
N GLY C 282 -17.67 13.89 -41.76
CA GLY C 282 -19.10 13.92 -42.03
C GLY C 282 -19.89 14.51 -40.89
N ALA C 283 -19.54 14.13 -39.66
CA ALA C 283 -20.16 14.71 -38.48
C ALA C 283 -19.84 16.19 -38.36
N LEU C 284 -18.68 16.60 -38.87
CA LEU C 284 -18.28 17.99 -38.80
C LEU C 284 -19.10 18.82 -39.80
N ALA C 285 -19.18 18.30 -41.03
CA ALA C 285 -19.96 18.92 -42.09
C ALA C 285 -21.45 18.93 -41.71
N ALA C 286 -21.92 17.90 -41.03
CA ALA C 286 -23.32 17.80 -40.63
C ALA C 286 -23.66 18.56 -39.33
N GLY C 287 -22.69 19.22 -38.73
CA GLY C 287 -22.91 19.95 -37.48
C GLY C 287 -23.27 19.11 -36.27
N GLU C 288 -23.06 17.79 -36.34
CA GLU C 288 -23.40 16.90 -35.23
C GLU C 288 -22.22 16.77 -34.28
N ARG C 289 -22.55 16.56 -33.00
CA ARG C 289 -21.54 16.25 -32.00
C ARG C 289 -21.10 14.81 -32.21
N ALA C 290 -19.81 14.56 -32.11
CA ALA C 290 -19.28 13.21 -32.28
C ALA C 290 -18.18 12.94 -31.25
N ASP C 291 -18.26 11.78 -30.61
CA ASP C 291 -17.21 11.29 -29.73
C ASP C 291 -16.90 9.89 -30.22
N ILE C 292 -15.79 9.78 -30.94
CA ILE C 292 -15.50 8.63 -31.77
C ILE C 292 -14.33 7.85 -31.13
N ALA C 293 -14.61 6.63 -30.71
CA ALA C 293 -13.58 5.78 -30.11
C ALA C 293 -13.02 4.87 -31.20
N LEU C 294 -11.70 4.77 -31.26
CA LEU C 294 -11.08 3.94 -32.26
C LEU C 294 -10.04 3.01 -31.57
N VAL C 295 -9.84 1.83 -32.14
CA VAL C 295 -8.93 0.82 -31.57
C VAL C 295 -7.52 0.99 -32.11
N VAL C 296 -6.55 1.12 -31.19
CA VAL C 296 -5.13 0.95 -31.52
C VAL C 296 -4.78 -0.51 -31.15
N ALA C 297 -4.83 -1.42 -32.13
CA ALA C 297 -4.81 -2.87 -31.86
C ALA C 297 -3.43 -3.40 -31.45
N ASP C 298 -2.39 -2.75 -31.95
CA ASP C 298 -1.02 -3.06 -31.58
C ASP C 298 -0.12 -1.87 -31.85
N ALA C 299 1.13 -1.93 -31.35
CA ALA C 299 2.09 -0.85 -31.56
C ALA C 299 2.92 -1.13 -32.81
N GLY C 300 3.82 -0.22 -33.13
CA GLY C 300 4.61 -0.31 -34.35
C GLY C 300 5.80 -1.26 -34.28
N TRP C 301 6.07 -1.80 -33.09
CA TRP C 301 7.31 -2.60 -32.87
C TRP C 301 7.51 -3.75 -33.85
N LYS C 302 6.46 -4.52 -34.12
CA LYS C 302 6.54 -5.69 -34.99
C LYS C 302 6.54 -5.35 -36.48
N TYR C 303 6.49 -4.06 -36.79
CA TYR C 303 6.45 -3.59 -38.18
C TYR C 303 7.70 -2.80 -38.59
N LEU C 304 8.68 -2.66 -37.70
CA LEU C 304 9.85 -1.83 -38.01
C LEU C 304 10.60 -2.40 -39.22
N SER C 305 10.70 -3.73 -39.30
CA SER C 305 11.42 -4.40 -40.38
C SER C 305 10.77 -4.17 -41.74
N THR C 306 9.51 -3.70 -41.76
CA THR C 306 8.82 -3.47 -43.04
C THR C 306 9.30 -2.23 -43.76
N GLY C 307 9.89 -1.27 -43.05
CA GLY C 307 10.27 0.01 -43.67
C GLY C 307 9.18 1.07 -43.65
N ALA C 308 7.99 0.69 -43.18
CA ALA C 308 6.84 1.59 -43.11
C ALA C 308 7.07 2.87 -42.29
N TYR C 309 8.05 2.85 -41.39
CA TYR C 309 8.27 3.98 -40.50
C TYR C 309 9.58 4.73 -40.81
N ARG D 6 -9.95 8.01 -18.06
CA ARG D 6 -9.45 8.41 -19.43
C ARG D 6 -8.52 9.61 -19.38
N TYR D 7 -7.82 9.83 -20.49
CA TYR D 7 -6.77 10.83 -20.57
C TYR D 7 -6.99 11.74 -21.77
N ASP D 8 -6.51 12.99 -21.66
CA ASP D 8 -6.61 14.02 -22.72
C ASP D 8 -5.43 14.00 -23.68
N SER D 9 -4.41 13.22 -23.35
CA SER D 9 -3.23 13.19 -24.15
C SER D 9 -2.42 11.96 -23.74
N LEU D 10 -1.60 11.48 -24.67
CA LEU D 10 -0.74 10.32 -24.40
C LEU D 10 0.18 10.61 -23.22
N LEU D 11 0.61 11.87 -23.07
CA LEU D 11 1.49 12.26 -21.94
C LEU D 11 0.90 11.98 -20.54
N GLN D 12 -0.43 11.94 -20.43
CA GLN D 12 -1.08 11.60 -19.17
C GLN D 12 -1.24 10.11 -18.91
N ALA D 13 -1.12 9.27 -19.94
CA ALA D 13 -1.34 7.83 -19.79
C ALA D 13 0.01 7.24 -19.41
N LEU D 14 0.44 7.62 -18.22
CA LEU D 14 1.80 7.43 -17.72
C LEU D 14 1.74 6.97 -16.28
N GLY D 15 2.61 6.04 -15.90
CA GLY D 15 2.63 5.58 -14.52
C GLY D 15 1.42 4.73 -14.14
N ASN D 16 1.21 4.60 -12.84
CA ASN D 16 0.24 3.66 -12.30
C ASN D 16 0.35 2.31 -12.97
N THR D 17 1.58 1.79 -13.03
CA THR D 17 1.85 0.57 -13.75
C THR D 17 1.56 -0.69 -12.88
N PRO D 18 1.29 -1.82 -13.53
CA PRO D 18 0.92 -2.99 -12.76
C PRO D 18 2.07 -3.67 -12.06
N LEU D 19 1.72 -4.31 -10.93
CA LEU D 19 2.64 -5.12 -10.17
C LEU D 19 2.18 -6.57 -10.29
N VAL D 20 3.07 -7.43 -10.79
CA VAL D 20 2.76 -8.83 -11.08
C VAL D 20 3.65 -9.75 -10.26
N GLY D 21 3.01 -10.54 -9.39
CA GLY D 21 3.68 -11.53 -8.58
C GLY D 21 4.16 -12.66 -9.47
N LEU D 22 5.40 -13.10 -9.24
CA LEU D 22 6.01 -14.12 -10.07
C LEU D 22 5.97 -15.46 -9.34
N GLN D 23 4.86 -16.17 -9.49
CA GLN D 23 4.65 -17.36 -8.66
C GLN D 23 5.62 -18.48 -9.02
N ARG D 24 6.07 -18.55 -10.26
CA ARG D 24 6.95 -19.64 -10.74
C ARG D 24 8.42 -19.35 -10.46
N LEU D 25 8.82 -18.10 -10.62
CA LEU D 25 10.23 -17.74 -10.46
C LEU D 25 10.63 -17.43 -9.02
N SER D 26 9.68 -17.08 -8.17
CA SER D 26 9.96 -16.76 -6.78
C SER D 26 10.57 -17.98 -6.08
N PRO D 27 11.58 -17.73 -5.24
CA PRO D 27 12.14 -18.86 -4.45
C PRO D 27 11.08 -19.63 -3.63
N ARG D 28 10.09 -18.94 -3.05
CA ARG D 28 8.98 -19.64 -2.37
C ARG D 28 7.76 -18.75 -2.39
N TRP D 29 6.88 -18.93 -3.37
CA TRP D 29 5.70 -18.07 -3.45
C TRP D 29 4.70 -18.40 -2.34
N ASP D 30 4.39 -19.68 -2.15
CA ASP D 30 3.34 -20.06 -1.19
C ASP D 30 3.84 -20.06 0.20
N ASP D 31 3.03 -19.52 1.11
CA ASP D 31 3.24 -19.79 2.51
C ASP D 31 2.85 -21.25 2.76
N GLY D 32 3.49 -21.85 3.76
CA GLY D 32 3.33 -23.26 4.07
C GLY D 32 3.96 -23.50 5.40
N ARG D 33 4.69 -24.61 5.52
CA ARG D 33 5.41 -24.94 6.75
C ARG D 33 6.90 -25.24 6.56
N ASP D 34 7.42 -25.00 5.37
CA ASP D 34 8.86 -25.04 5.14
C ASP D 34 9.54 -23.72 5.56
N GLY D 35 8.76 -22.75 6.02
CA GLY D 35 9.29 -21.44 6.40
C GLY D 35 8.56 -20.29 5.68
N PRO D 36 8.96 -19.04 5.98
CA PRO D 36 8.29 -17.84 5.40
C PRO D 36 8.39 -17.77 3.88
N HIS D 37 7.43 -17.12 3.25
CA HIS D 37 7.51 -16.94 1.80
C HIS D 37 8.65 -15.98 1.37
N VAL D 38 9.11 -16.17 0.13
CA VAL D 38 10.12 -15.32 -0.48
C VAL D 38 9.63 -15.04 -1.90
N ARG D 39 9.02 -13.85 -2.06
CA ARG D 39 8.25 -13.52 -3.24
C ARG D 39 8.93 -12.43 -4.05
N LEU D 40 8.92 -12.59 -5.36
CA LEU D 40 9.27 -11.52 -6.30
C LEU D 40 8.02 -10.96 -6.96
N TRP D 41 8.03 -9.65 -7.13
CA TRP D 41 6.94 -8.89 -7.72
C TRP D 41 7.52 -7.92 -8.76
N ALA D 42 7.01 -7.99 -9.99
CA ALA D 42 7.56 -7.26 -11.10
C ALA D 42 6.69 -6.05 -11.40
N LYS D 43 7.32 -4.89 -11.44
CA LYS D 43 6.59 -3.68 -11.75
C LYS D 43 6.82 -3.32 -13.24
N LEU D 44 5.73 -3.24 -14.01
CA LEU D 44 5.82 -3.27 -15.48
C LEU D 44 5.89 -1.87 -16.08
N GLU D 45 7.10 -1.34 -16.15
CA GLU D 45 7.29 0.06 -16.61
C GLU D 45 7.32 0.26 -18.12
N ASP D 46 7.15 -0.84 -18.86
CA ASP D 46 6.93 -0.75 -20.28
C ASP D 46 5.49 -0.36 -20.60
N ARG D 47 4.61 -0.35 -19.59
CA ARG D 47 3.22 0.10 -19.74
C ARG D 47 3.22 1.62 -19.54
N ASN D 48 3.73 2.30 -20.54
CA ASN D 48 4.03 3.72 -20.47
C ASN D 48 4.06 4.26 -21.90
N PRO D 49 3.88 5.58 -22.07
CA PRO D 49 3.70 6.18 -23.42
C PRO D 49 4.64 5.64 -24.52
N THR D 50 5.96 5.58 -24.28
CA THR D 50 6.88 5.06 -25.30
C THR D 50 7.51 3.73 -24.92
N GLY D 51 6.99 3.07 -23.89
CA GLY D 51 7.47 1.75 -23.59
C GLY D 51 8.63 1.62 -22.67
N SER D 52 8.91 2.66 -21.90
CA SER D 52 9.94 2.56 -20.87
C SER D 52 9.68 3.44 -19.67
N ILE D 53 10.38 3.11 -18.58
CA ILE D 53 10.31 3.88 -17.38
C ILE D 53 10.75 5.35 -17.60
N LYS D 54 11.54 5.61 -18.65
CA LYS D 54 12.02 6.97 -18.86
C LYS D 54 10.92 7.97 -19.18
N ASP D 55 9.73 7.50 -19.51
CA ASP D 55 8.61 8.42 -19.69
C ASP D 55 8.36 9.26 -18.42
N ARG D 56 8.57 8.64 -17.24
CA ARG D 56 8.39 9.33 -15.98
C ARG D 56 9.33 10.54 -15.83
N PRO D 57 10.67 10.33 -15.83
CA PRO D 57 11.55 11.46 -15.69
C PRO D 57 11.46 12.43 -16.87
N ALA D 58 11.26 11.91 -18.09
CA ALA D 58 11.34 12.75 -19.28
C ALA D 58 10.18 13.73 -19.28
N VAL D 59 9.00 13.23 -19.00
CA VAL D 59 7.81 14.11 -18.98
C VAL D 59 7.92 15.11 -17.86
N ARG D 60 8.37 14.65 -16.68
CA ARG D 60 8.52 15.58 -15.57
C ARG D 60 9.58 16.66 -15.83
N MET D 61 10.71 16.30 -16.45
CA MET D 61 11.74 17.26 -16.73
C MET D 61 11.23 18.32 -17.69
N ILE D 62 10.54 17.89 -18.71
CA ILE D 62 10.03 18.85 -19.72
C ILE D 62 9.05 19.81 -19.11
N GLU D 63 8.12 19.26 -18.34
CA GLU D 63 7.06 20.04 -17.75
C GLU D 63 7.62 21.00 -16.72
N GLN D 64 8.63 20.55 -15.97
CA GLN D 64 9.24 21.42 -15.01
C GLN D 64 10.01 22.57 -15.70
N ALA D 65 10.69 22.29 -16.81
CA ALA D 65 11.40 23.35 -17.53
C ALA D 65 10.39 24.32 -18.14
N GLU D 66 9.25 23.82 -18.62
CA GLU D 66 8.18 24.67 -19.14
C GLU D 66 7.62 25.58 -18.05
N ALA D 67 7.34 25.03 -16.87
CA ALA D 67 6.95 25.81 -15.69
C ALA D 67 7.99 26.86 -15.28
N ASP D 68 9.28 26.53 -15.36
CA ASP D 68 10.31 27.47 -14.92
C ASP D 68 10.62 28.53 -15.98
N GLY D 69 9.89 28.52 -17.09
CA GLY D 69 10.11 29.47 -18.18
C GLY D 69 11.37 29.21 -19.00
N LEU D 70 11.88 27.99 -18.96
CA LEU D 70 13.14 27.70 -19.67
C LEU D 70 12.96 27.23 -21.11
N LEU D 71 11.72 27.01 -21.55
CA LEU D 71 11.46 26.47 -22.90
C LEU D 71 10.60 27.39 -23.79
N ARG D 72 11.24 28.12 -24.70
CA ARG D 72 10.53 28.89 -25.71
C ARG D 72 9.92 27.95 -26.75
N PRO D 73 8.70 28.29 -27.24
CA PRO D 73 8.14 27.53 -28.35
C PRO D 73 9.13 27.40 -29.50
N GLY D 74 9.28 26.19 -30.01
CA GLY D 74 10.22 25.92 -31.08
C GLY D 74 11.67 25.69 -30.65
N ALA D 75 11.90 25.66 -29.34
CA ALA D 75 13.28 25.46 -28.82
C ALA D 75 13.93 24.13 -29.24
N THR D 76 15.25 24.18 -29.38
CA THR D 76 16.11 23.01 -29.56
C THR D 76 16.43 22.44 -28.17
N ILE D 77 16.04 21.18 -27.96
CA ILE D 77 16.39 20.44 -26.74
C ILE D 77 17.54 19.51 -27.09
N LEU D 78 18.55 19.45 -26.22
CA LEU D 78 19.70 18.61 -26.44
C LEU D 78 19.75 17.62 -25.26
N GLU D 79 19.92 16.32 -25.54
CA GLU D 79 20.09 15.34 -24.43
C GLU D 79 21.09 14.24 -24.77
N PRO D 80 22.01 13.96 -23.84
CA PRO D 80 22.83 12.76 -23.96
C PRO D 80 21.97 11.57 -23.50
N THR D 81 21.88 10.55 -24.34
CA THR D 81 21.00 9.40 -24.03
C THR D 81 21.48 8.18 -24.75
N SER D 82 21.17 7.00 -24.20
CA SER D 82 21.43 5.73 -24.88
C SER D 82 20.17 5.22 -25.58
N GLY D 83 19.07 5.99 -25.52
CA GLY D 83 17.89 5.67 -26.32
C GLY D 83 16.57 5.87 -25.64
N ASN D 84 16.37 5.28 -24.47
CA ASN D 84 15.05 5.37 -23.85
C ASN D 84 14.61 6.78 -23.48
N THR D 85 15.50 7.55 -22.84
CA THR D 85 15.17 8.93 -22.52
C THR D 85 14.99 9.77 -23.80
N GLY D 86 15.88 9.54 -24.78
CA GLY D 86 15.77 10.15 -26.11
C GLY D 86 14.40 9.94 -26.71
N ILE D 87 13.95 8.70 -26.66
CA ILE D 87 12.65 8.37 -27.25
C ILE D 87 11.51 9.06 -26.52
N SER D 88 11.53 9.01 -25.18
CA SER D 88 10.48 9.68 -24.39
C SER D 88 10.44 11.19 -24.69
N LEU D 89 11.61 11.82 -24.73
CA LEU D 89 11.70 13.24 -25.05
C LEU D 89 11.25 13.51 -26.50
N ALA D 90 11.54 12.59 -27.41
CA ALA D 90 11.21 12.79 -28.84
C ALA D 90 9.69 12.84 -28.99
N MET D 91 9.01 11.99 -28.23
CA MET D 91 7.54 11.91 -28.27
C MET D 91 6.97 13.20 -27.68
N ALA D 92 7.47 13.55 -26.51
CA ALA D 92 7.02 14.77 -25.88
C ALA D 92 7.33 16.00 -26.75
N ALA D 93 8.51 16.04 -27.36
CA ALA D 93 8.94 17.17 -28.19
C ALA D 93 8.04 17.32 -29.41
N ARG D 94 7.61 16.19 -29.95
CA ARG D 94 6.67 16.18 -31.07
C ARG D 94 5.33 16.80 -30.74
N LEU D 95 4.79 16.44 -29.59
CA LEU D 95 3.53 16.97 -29.15
C LEU D 95 3.60 18.43 -28.77
N LYS D 96 4.76 18.85 -28.26
CA LYS D 96 4.89 20.22 -27.73
C LYS D 96 5.55 21.22 -28.65
N GLY D 97 6.03 20.76 -29.82
CA GLY D 97 6.67 21.61 -30.82
C GLY D 97 8.12 21.99 -30.60
N TYR D 98 8.89 21.10 -29.95
CA TYR D 98 10.33 21.31 -29.78
C TYR D 98 11.10 20.47 -30.73
N ARG D 99 12.33 20.87 -30.99
CA ARG D 99 13.24 20.13 -31.84
C ARG D 99 14.17 19.42 -30.85
N LEU D 100 14.48 18.16 -31.12
CA LEU D 100 15.35 17.37 -30.22
C LEU D 100 16.56 16.92 -30.94
N ILE D 101 17.71 17.05 -30.27
CA ILE D 101 18.96 16.51 -30.71
C ILE D 101 19.41 15.59 -29.59
N CYS D 102 19.63 14.32 -29.93
CA CYS D 102 20.18 13.32 -29.00
C CYS D 102 21.63 13.05 -29.31
N VAL D 103 22.47 12.99 -28.28
CA VAL D 103 23.84 12.57 -28.40
C VAL D 103 23.91 11.17 -27.83
N MET D 104 24.26 10.21 -28.67
CA MET D 104 24.09 8.80 -28.36
C MET D 104 25.32 8.00 -28.68
N PRO D 105 25.56 6.92 -27.94
CA PRO D 105 26.64 6.04 -28.39
C PRO D 105 26.33 5.42 -29.72
N GLU D 106 27.36 5.33 -30.56
CA GLU D 106 27.24 4.68 -31.86
C GLU D 106 26.72 3.25 -31.82
N ASN D 107 27.06 2.49 -30.79
CA ASN D 107 26.73 1.08 -30.76
C ASN D 107 25.38 0.79 -30.10
N THR D 108 24.39 1.61 -30.38
CA THR D 108 23.05 1.33 -29.86
C THR D 108 22.15 0.63 -30.92
N SER D 109 21.12 -0.05 -30.46
CA SER D 109 20.32 -0.88 -31.35
C SER D 109 19.67 -0.05 -32.48
N VAL D 110 19.52 -0.68 -33.65
CA VAL D 110 18.85 -0.07 -34.78
C VAL D 110 17.42 0.37 -34.44
N GLU D 111 16.73 -0.40 -33.59
CA GLU D 111 15.36 -0.07 -33.23
C GLU D 111 15.29 1.32 -32.59
N ARG D 112 16.28 1.65 -31.76
CA ARG D 112 16.33 2.97 -31.13
C ARG D 112 16.45 4.07 -32.18
N ARG D 113 17.38 3.87 -33.12
CA ARG D 113 17.58 4.85 -34.23
C ARG D 113 16.30 5.04 -35.06
N GLN D 114 15.65 3.93 -35.41
CA GLN D 114 14.40 3.97 -36.16
C GLN D 114 13.33 4.74 -35.43
N LEU D 115 13.13 4.48 -34.14
CA LEU D 115 12.06 5.19 -33.44
C LEU D 115 12.37 6.68 -33.31
N LEU D 116 13.62 6.99 -32.97
CA LEU D 116 14.03 8.38 -32.90
C LEU D 116 13.80 9.13 -34.21
N GLU D 117 14.20 8.51 -35.31
CA GLU D 117 14.05 9.15 -36.64
C GLU D 117 12.56 9.29 -36.96
N LEU D 118 11.74 8.28 -36.61
CA LEU D 118 10.29 8.39 -36.80
C LEU D 118 9.67 9.56 -36.06
N TYR D 119 10.14 9.84 -34.85
CA TYR D 119 9.65 10.95 -34.09
C TYR D 119 10.29 12.30 -34.54
N GLY D 120 11.24 12.25 -35.46
CA GLY D 120 11.86 13.45 -36.01
C GLY D 120 12.99 14.00 -35.17
N ALA D 121 13.54 13.20 -34.26
CA ALA D 121 14.70 13.63 -33.49
C ALA D 121 15.97 13.51 -34.32
N GLN D 122 16.90 14.43 -34.10
CA GLN D 122 18.20 14.34 -34.72
C GLN D 122 19.12 13.59 -33.80
N ILE D 123 20.00 12.76 -34.37
CA ILE D 123 20.96 12.00 -33.60
C ILE D 123 22.41 12.35 -33.96
N ILE D 124 23.19 12.68 -32.92
CA ILE D 124 24.64 12.78 -33.02
C ILE D 124 25.25 11.54 -32.40
N PHE D 125 25.88 10.71 -33.21
CA PHE D 125 26.49 9.47 -32.73
C PHE D 125 27.92 9.67 -32.27
N SER D 126 28.18 9.28 -31.04
CA SER D 126 29.48 9.45 -30.45
C SER D 126 30.26 8.10 -30.61
N ALA D 127 31.47 8.17 -31.16
CA ALA D 127 32.25 6.96 -31.48
C ALA D 127 32.75 6.32 -30.21
N ALA D 128 32.93 5.00 -30.25
CA ALA D 128 33.32 4.20 -29.07
C ALA D 128 34.75 4.47 -28.63
N SER D 132 38.19 9.54 -28.20
CA SER D 132 37.13 10.51 -28.45
C SER D 132 36.41 10.94 -27.16
N ASN D 133 35.74 12.10 -27.19
CA ASN D 133 34.92 12.52 -26.04
C ASN D 133 33.68 11.64 -26.00
N THR D 134 33.17 11.39 -24.80
CA THR D 134 31.96 10.61 -24.63
C THR D 134 30.71 11.41 -24.97
N ALA D 135 29.57 10.72 -25.08
CA ALA D 135 28.31 11.37 -25.38
C ALA D 135 27.96 12.44 -24.35
N VAL D 136 28.12 12.14 -23.07
CA VAL D 136 27.78 13.11 -22.04
C VAL D 136 28.74 14.30 -22.06
N ALA D 137 30.05 14.05 -22.21
CA ALA D 137 31.03 15.13 -22.22
C ALA D 137 30.77 16.05 -23.43
N THR D 138 30.49 15.41 -24.56
CA THR D 138 30.11 16.15 -25.78
C THR D 138 28.86 16.99 -25.59
N ALA D 139 27.80 16.42 -25.00
CA ALA D 139 26.57 17.16 -24.77
C ALA D 139 26.79 18.36 -23.87
N LYS D 140 27.61 18.20 -22.83
CA LYS D 140 27.91 19.32 -21.96
C LYS D 140 28.61 20.46 -22.71
N GLU D 141 29.57 20.11 -23.56
CA GLU D 141 30.29 21.13 -24.37
C GLU D 141 29.34 21.83 -25.35
N LEU D 142 28.51 21.03 -26.01
CA LEU D 142 27.51 21.57 -26.94
C LEU D 142 26.53 22.52 -26.28
N ALA D 143 26.09 22.15 -25.08
CA ALA D 143 25.15 23.00 -24.36
C ALA D 143 25.80 24.32 -23.96
N ALA D 144 27.06 24.26 -23.58
CA ALA D 144 27.75 25.49 -23.15
C ALA D 144 27.96 26.40 -24.36
N THR D 145 28.26 25.77 -25.49
CA THR D 145 28.57 26.49 -26.75
C THR D 145 27.32 27.07 -27.38
N ASN D 146 26.18 26.42 -27.18
CA ASN D 146 24.91 26.81 -27.77
C ASN D 146 23.92 27.24 -26.72
N PRO D 147 24.03 28.51 -26.31
CA PRO D 147 23.34 28.97 -25.11
C PRO D 147 21.82 28.87 -25.17
N SER D 148 21.24 28.99 -26.35
CA SER D 148 19.78 28.87 -26.49
C SER D 148 19.27 27.41 -26.61
N TRP D 149 20.16 26.46 -26.83
CA TRP D 149 19.76 25.04 -26.71
C TRP D 149 19.45 24.80 -25.24
N VAL D 150 18.45 23.95 -24.99
CA VAL D 150 18.04 23.61 -23.64
C VAL D 150 18.45 22.16 -23.36
N MET D 151 19.34 21.93 -22.40
CA MET D 151 19.69 20.55 -22.00
C MET D 151 19.04 20.29 -20.63
N LEU D 152 18.03 19.42 -20.64
CA LEU D 152 17.30 19.10 -19.45
C LEU D 152 18.23 18.31 -18.45
N TYR D 153 19.04 17.44 -19.03
CA TYR D 153 20.18 16.79 -18.33
C TYR D 153 19.70 15.76 -17.29
N GLN D 154 19.34 14.58 -17.79
CA GLN D 154 18.72 13.58 -16.97
C GLN D 154 19.61 13.10 -15.84
N TYR D 155 20.91 13.31 -16.00
CA TYR D 155 21.89 12.81 -15.01
C TYR D 155 22.01 13.69 -13.77
N GLY D 156 21.47 14.90 -13.85
CA GLY D 156 21.59 15.90 -12.77
C GLY D 156 20.30 16.60 -12.38
N ASN D 157 19.25 16.40 -13.17
CA ASN D 157 17.98 17.12 -12.99
C ASN D 157 17.13 16.48 -11.88
N PRO D 158 16.88 17.20 -10.79
CA PRO D 158 16.06 16.60 -9.72
C PRO D 158 14.66 16.17 -10.08
N ALA D 159 14.13 16.69 -11.20
CA ALA D 159 12.88 16.22 -11.70
C ALA D 159 12.91 14.73 -12.08
N ASN D 160 14.10 14.19 -12.39
CA ASN D 160 14.23 12.76 -12.68
C ASN D 160 13.92 12.02 -11.35
N THR D 161 14.76 12.26 -10.35
CA THR D 161 14.55 11.62 -9.04
C THR D 161 13.14 11.88 -8.50
N ASP D 162 12.63 13.10 -8.65
CA ASP D 162 11.30 13.43 -8.16
C ASP D 162 10.18 12.66 -8.83
N SER D 163 10.33 12.28 -10.09
CA SER D 163 9.28 11.51 -10.77
C SER D 163 9.09 10.15 -10.10
N HIS D 164 10.17 9.63 -9.53
CA HIS D 164 10.14 8.36 -8.81
C HIS D 164 9.74 8.53 -7.35
N TYR D 165 10.21 9.59 -6.71
CA TYR D 165 9.77 9.92 -5.37
C TYR D 165 8.25 10.12 -5.29
N CYS D 166 7.70 10.77 -6.33
CA CYS D 166 6.28 11.10 -6.41
C CYS D 166 5.39 10.10 -7.09
N GLY D 167 5.96 9.21 -7.90
CA GLY D 167 5.20 8.28 -8.68
C GLY D 167 5.53 6.82 -8.31
N THR D 168 6.67 6.36 -8.79
CA THR D 168 7.09 4.95 -8.62
C THR D 168 7.00 4.48 -7.16
N GLY D 169 7.60 5.24 -6.27
CA GLY D 169 7.69 4.89 -4.85
C GLY D 169 6.29 4.76 -4.22
N PRO D 170 5.45 5.81 -4.35
CA PRO D 170 4.10 5.73 -3.77
C PRO D 170 3.24 4.63 -4.34
N GLU D 171 3.37 4.34 -5.64
CA GLU D 171 2.62 3.27 -6.25
C GLU D 171 3.02 1.92 -5.68
N LEU D 172 4.32 1.76 -5.50
CA LEU D 172 4.86 0.52 -5.00
C LEU D 172 4.46 0.27 -3.55
N LEU D 173 4.55 1.30 -2.72
CA LEU D 173 4.10 1.17 -1.34
C LEU D 173 2.62 0.86 -1.25
N ALA D 174 1.82 1.56 -2.07
CA ALA D 174 0.40 1.29 -2.12
C ALA D 174 0.07 -0.15 -2.51
N ASP D 175 0.72 -0.66 -3.56
CA ASP D 175 0.45 -1.99 -4.08
C ASP D 175 1.12 -3.10 -3.26
N LEU D 176 2.21 -2.76 -2.57
CA LEU D 176 3.05 -3.76 -1.87
C LEU D 176 3.43 -3.20 -0.52
N PRO D 177 2.43 -3.08 0.39
CA PRO D 177 2.75 -2.56 1.72
C PRO D 177 3.69 -3.46 2.51
N GLU D 178 3.73 -4.73 2.17
CA GLU D 178 4.65 -5.67 2.82
C GLU D 178 6.07 -5.72 2.23
N ILE D 179 6.39 -4.78 1.35
CA ILE D 179 7.70 -4.70 0.74
C ILE D 179 8.84 -4.77 1.75
N THR D 180 9.82 -5.62 1.41
CA THR D 180 11.07 -5.74 2.14
C THR D 180 12.28 -5.28 1.34
N HIS D 181 12.21 -5.39 0.00
CA HIS D 181 13.32 -5.03 -0.88
C HIS D 181 12.81 -4.38 -2.17
N PHE D 182 13.56 -3.45 -2.69
CA PHE D 182 13.33 -2.88 -3.99
C PHE D 182 14.61 -3.02 -4.81
N VAL D 183 14.49 -3.60 -5.99
CA VAL D 183 15.62 -3.89 -6.87
C VAL D 183 15.40 -3.24 -8.22
N ALA D 184 16.38 -2.47 -8.66
CA ALA D 184 16.32 -1.83 -9.99
C ALA D 184 17.71 -1.62 -10.57
N GLY D 185 17.77 -1.36 -11.87
CA GLY D 185 19.02 -0.95 -12.50
C GLY D 185 19.50 0.41 -12.01
N LEU D 186 20.82 0.59 -12.07
CA LEU D 186 21.48 1.83 -11.63
C LEU D 186 22.08 2.48 -12.87
N GLY D 187 21.38 3.50 -13.40
CA GLY D 187 21.80 4.22 -14.60
C GLY D 187 21.97 5.68 -14.30
N THR D 188 20.95 6.49 -14.64
CA THR D 188 20.95 7.89 -14.17
C THR D 188 20.91 7.94 -12.62
N THR D 189 20.42 6.85 -12.03
CA THR D 189 20.17 6.65 -10.60
C THR D 189 18.85 7.22 -10.14
N GLY D 190 18.10 7.90 -11.00
CA GLY D 190 16.81 8.43 -10.57
C GLY D 190 15.88 7.43 -9.94
N THR D 191 15.77 6.25 -10.56
CA THR D 191 14.83 5.23 -10.06
C THR D 191 15.16 4.86 -8.63
N LEU D 192 16.39 4.48 -8.41
CA LEU D 192 16.77 4.08 -7.06
C LEU D 192 16.84 5.23 -6.06
N MET D 193 17.27 6.41 -6.50
CA MET D 193 17.38 7.54 -5.57
C MET D 193 15.99 7.99 -5.11
N GLY D 194 15.08 8.15 -6.07
CA GLY D 194 13.75 8.65 -5.77
C GLY D 194 12.86 7.61 -5.12
N THR D 195 12.80 6.42 -5.71
CA THR D 195 12.04 5.34 -5.10
C THR D 195 12.62 4.96 -3.73
N GLY D 196 13.94 4.91 -3.65
CA GLY D 196 14.62 4.48 -2.45
C GLY D 196 14.44 5.47 -1.31
N ARG D 197 14.56 6.77 -1.59
CA ARG D 197 14.33 7.81 -0.55
C ARG D 197 12.89 7.69 -0.05
N PHE D 198 11.94 7.62 -0.97
CA PHE D 198 10.54 7.45 -0.60
C PHE D 198 10.27 6.20 0.26
N LEU D 199 10.72 5.02 -0.17
CA LEU D 199 10.49 3.81 0.59
C LEU D 199 11.20 3.84 1.97
N ARG D 200 12.43 4.34 2.01
CA ARG D 200 13.19 4.39 3.28
C ARG D 200 12.50 5.32 4.30
N GLU D 201 11.80 6.33 3.81
CA GLU D 201 11.06 7.22 4.70
C GLU D 201 9.80 6.59 5.28
N HIS D 202 9.26 5.55 4.64
CA HIS D 202 8.01 4.95 5.04
C HIS D 202 8.07 3.50 5.52
N VAL D 203 9.15 2.80 5.20
CA VAL D 203 9.25 1.39 5.52
C VAL D 203 10.51 1.10 6.28
N ALA D 204 10.32 0.73 7.55
CA ALA D 204 11.43 0.35 8.42
C ALA D 204 12.20 -0.81 7.82
N ASN D 205 13.51 -0.64 7.83
CA ASN D 205 14.46 -1.68 7.44
C ASN D 205 14.38 -2.11 5.96
N VAL D 206 13.76 -1.31 5.11
CA VAL D 206 13.64 -1.69 3.69
C VAL D 206 15.01 -1.63 3.05
N LYS D 207 15.27 -2.56 2.13
CA LYS D 207 16.53 -2.65 1.43
C LYS D 207 16.36 -2.13 -0.01
N ILE D 208 17.34 -1.37 -0.45
CA ILE D 208 17.30 -0.71 -1.75
C ILE D 208 18.52 -1.25 -2.49
N VAL D 209 18.28 -2.03 -3.52
CA VAL D 209 19.30 -2.85 -4.12
C VAL D 209 19.51 -2.49 -5.59
N ALA D 210 20.74 -2.17 -5.94
CA ALA D 210 21.11 -1.81 -7.30
C ALA D 210 21.64 -2.98 -8.07
N ALA D 211 21.31 -3.02 -9.36
CA ALA D 211 21.95 -3.90 -10.32
C ALA D 211 22.64 -3.03 -11.35
N GLU D 212 23.90 -3.29 -11.59
CA GLU D 212 24.61 -2.61 -12.65
C GLU D 212 25.49 -3.57 -13.42
N PRO D 213 25.90 -3.17 -14.63
CA PRO D 213 26.66 -4.14 -15.44
C PRO D 213 28.08 -4.40 -14.85
N ARG D 214 28.56 -5.64 -14.97
CA ARG D 214 29.90 -5.99 -14.48
C ARG D 214 30.92 -5.27 -15.38
N TYR D 215 31.88 -4.61 -14.73
CA TYR D 215 32.76 -3.60 -15.36
C TYR D 215 34.09 -4.20 -15.83
N GLY D 216 34.04 -5.02 -16.88
CA GLY D 216 35.23 -5.41 -17.65
C GLY D 216 34.90 -6.03 -19.00
N GLU D 217 34.19 -7.15 -18.93
CA GLU D 217 33.85 -8.15 -19.98
C GLU D 217 34.23 -7.97 -21.47
N GLY D 218 34.91 -6.87 -21.79
CA GLY D 218 35.46 -6.64 -23.13
C GLY D 218 34.41 -6.65 -24.21
N VAL D 219 34.64 -7.48 -25.22
CA VAL D 219 33.82 -7.48 -26.41
C VAL D 219 32.44 -8.15 -26.21
N TYR D 220 32.22 -8.79 -25.07
CA TYR D 220 30.91 -9.37 -24.73
C TYR D 220 30.23 -8.60 -23.57
N ALA D 221 30.61 -7.33 -23.38
CA ALA D 221 30.16 -6.58 -22.23
C ALA D 221 28.72 -6.07 -22.39
N LEU D 222 28.01 -6.10 -21.28
CA LEU D 222 26.77 -5.35 -21.11
C LEU D 222 27.11 -3.88 -20.77
N ARG D 223 26.47 -2.92 -21.46
CA ARG D 223 26.79 -1.49 -21.29
C ARG D 223 25.56 -0.66 -20.93
N ASN D 224 25.71 0.33 -20.05
CA ASN D 224 24.61 1.27 -19.79
C ASN D 224 25.05 2.70 -19.61
N MET D 225 26.36 2.94 -19.43
CA MET D 225 26.85 4.27 -19.07
C MET D 225 28.27 4.45 -19.63
N ASP D 226 28.66 5.70 -19.82
CA ASP D 226 30.04 6.02 -20.13
C ASP D 226 30.97 5.69 -18.96
N GLU D 227 32.13 5.13 -19.30
CA GLU D 227 33.12 4.75 -18.33
C GLU D 227 33.55 6.00 -17.54
N GLY D 228 33.54 5.87 -16.24
CA GLY D 228 34.07 6.93 -15.37
C GLY D 228 33.09 8.04 -14.99
N PHE D 229 31.91 8.05 -15.62
CA PHE D 229 30.91 9.07 -15.37
C PHE D 229 30.02 8.69 -14.19
N VAL D 230 29.93 9.57 -13.20
CA VAL D 230 29.06 9.38 -12.06
C VAL D 230 27.96 10.45 -12.08
N PRO D 231 26.71 10.06 -12.32
CA PRO D 231 25.63 11.08 -12.36
C PRO D 231 25.58 11.93 -11.10
N GLU D 232 25.40 13.22 -11.32
CA GLU D 232 25.25 14.15 -10.21
C GLU D 232 24.12 13.75 -9.27
N LEU D 233 23.08 13.08 -9.78
CA LEU D 233 21.97 12.61 -8.96
C LEU D 233 22.33 11.54 -7.95
N TYR D 234 23.44 10.85 -8.15
CA TYR D 234 23.75 9.65 -7.37
C TYR D 234 24.12 10.04 -5.93
N ASP D 235 23.50 9.35 -4.98
CA ASP D 235 23.76 9.51 -3.53
C ASP D 235 24.02 8.10 -3.00
N PRO D 236 25.29 7.72 -2.81
CA PRO D 236 25.60 6.32 -2.47
C PRO D 236 24.92 5.85 -1.19
N GLU D 237 24.63 6.76 -0.27
CA GLU D 237 23.99 6.45 1.03
C GLU D 237 22.59 5.83 0.90
N ILE D 238 21.89 6.10 -0.20
CA ILE D 238 20.50 5.57 -0.37
C ILE D 238 20.50 4.04 -0.63
N LEU D 239 21.52 3.53 -1.29
CA LEU D 239 21.60 2.10 -1.58
C LEU D 239 22.00 1.30 -0.36
N THR D 240 21.41 0.13 -0.19
CA THR D 240 21.85 -0.78 0.87
C THR D 240 22.72 -1.90 0.32
N ALA D 241 22.63 -2.15 -0.99
CA ALA D 241 23.43 -3.15 -1.67
C ALA D 241 23.55 -2.82 -3.15
N ARG D 242 24.59 -3.37 -3.79
CA ARG D 242 24.82 -3.14 -5.20
C ARG D 242 25.42 -4.41 -5.77
N TYR D 243 24.79 -4.96 -6.78
CA TYR D 243 25.28 -6.17 -7.47
C TYR D 243 25.71 -5.84 -8.86
N SER D 244 26.90 -6.31 -9.22
CA SER D 244 27.41 -6.32 -10.57
C SER D 244 26.95 -7.58 -11.27
N VAL D 245 26.34 -7.45 -12.43
CA VAL D 245 25.79 -8.61 -13.10
C VAL D 245 26.43 -8.79 -14.44
N GLY D 246 26.87 -10.03 -14.70
CA GLY D 246 27.47 -10.39 -15.97
C GLY D 246 26.45 -10.37 -17.10
N ALA D 247 26.95 -10.05 -18.30
CA ALA D 247 26.15 -9.95 -19.49
C ALA D 247 25.43 -11.27 -19.82
N VAL D 248 26.15 -12.39 -19.70
CA VAL D 248 25.55 -13.69 -20.00
C VAL D 248 24.42 -13.96 -19.00
N ASP D 249 24.62 -13.65 -17.72
CA ASP D 249 23.59 -13.90 -16.72
C ASP D 249 22.36 -13.04 -17.01
N ALA D 250 22.61 -11.78 -17.38
CA ALA D 250 21.53 -10.88 -17.75
C ALA D 250 20.71 -11.43 -18.89
N VAL D 251 21.38 -11.87 -19.97
CA VAL D 251 20.67 -12.44 -21.11
C VAL D 251 19.91 -13.68 -20.69
N ARG D 252 20.55 -14.59 -19.96
CA ARG D 252 19.88 -15.83 -19.60
C ARG D 252 18.64 -15.53 -18.71
N ARG D 253 18.76 -14.56 -17.80
CA ARG D 253 17.64 -14.25 -16.91
C ARG D 253 16.50 -13.60 -17.67
N THR D 254 16.80 -12.76 -18.65
CA THR D 254 15.77 -12.16 -19.50
C THR D 254 14.97 -13.24 -20.21
N ARG D 255 15.68 -14.23 -20.77
CA ARG D 255 15.04 -15.38 -21.43
C ARG D 255 14.24 -16.23 -20.42
N GLU D 256 14.80 -16.47 -19.24
CA GLU D 256 14.09 -17.24 -18.19
C GLU D 256 12.76 -16.55 -17.80
N LEU D 257 12.78 -15.22 -17.72
CA LEU D 257 11.62 -14.48 -17.31
C LEU D 257 10.51 -14.66 -18.34
N VAL D 258 10.82 -14.55 -19.64
CA VAL D 258 9.78 -14.67 -20.63
C VAL D 258 9.29 -16.14 -20.68
N HIS D 259 10.21 -17.10 -20.52
CA HIS D 259 9.83 -18.53 -20.56
C HIS D 259 9.01 -19.00 -19.40
N THR D 260 9.23 -18.42 -18.25
CA THR D 260 8.60 -18.89 -17.01
C THR D 260 7.38 -18.05 -16.59
N GLU D 261 7.45 -16.74 -16.81
CA GLU D 261 6.37 -15.84 -16.40
C GLU D 261 5.70 -15.13 -17.57
N GLY D 262 6.24 -15.28 -18.79
CA GLY D 262 5.64 -14.68 -19.96
C GLY D 262 5.86 -13.20 -20.19
N ILE D 263 6.63 -12.57 -19.31
CA ILE D 263 6.98 -11.18 -19.42
C ILE D 263 8.16 -11.00 -20.40
N PHE D 264 7.91 -10.26 -21.48
CA PHE D 264 8.85 -9.97 -22.57
C PHE D 264 9.59 -8.65 -22.27
N ALA D 265 10.69 -8.79 -21.55
CA ALA D 265 11.42 -7.66 -21.00
C ALA D 265 12.72 -7.37 -21.74
N GLY D 266 13.19 -6.15 -21.54
CA GLY D 266 14.51 -5.74 -22.00
C GLY D 266 15.60 -6.41 -21.20
N ILE D 267 16.84 -6.18 -21.64
CA ILE D 267 18.00 -6.83 -21.00
C ILE D 267 18.29 -6.34 -19.59
N SER D 268 18.07 -5.05 -19.31
CA SER D 268 18.27 -4.57 -17.96
C SER D 268 17.44 -5.36 -16.95
N THR D 269 16.24 -5.77 -17.35
CA THR D 269 15.36 -6.53 -16.47
C THR D 269 15.98 -7.89 -16.10
N GLY D 270 16.66 -8.52 -17.03
CA GLY D 270 17.36 -9.77 -16.69
C GLY D 270 18.40 -9.57 -15.62
N ALA D 271 19.18 -8.48 -15.70
CA ALA D 271 20.17 -8.22 -14.67
C ALA D 271 19.51 -7.94 -13.32
N VAL D 272 18.46 -7.13 -13.34
CA VAL D 272 17.66 -6.87 -12.16
C VAL D 272 17.13 -8.16 -11.52
N LEU D 273 16.62 -9.08 -12.34
CA LEU D 273 16.10 -10.36 -11.88
C LEU D 273 17.24 -11.21 -11.27
N HIS D 274 18.39 -11.18 -11.92
CA HIS D 274 19.56 -11.92 -11.37
C HIS D 274 19.84 -11.46 -9.96
N ALA D 275 19.88 -10.16 -9.77
CA ALA D 275 20.10 -9.60 -8.42
C ALA D 275 19.00 -9.95 -7.43
N ALA D 276 17.74 -9.81 -7.88
CA ALA D 276 16.58 -10.09 -7.06
C ALA D 276 16.57 -11.54 -6.60
N LEU D 277 16.96 -12.44 -7.49
CA LEU D 277 17.02 -13.86 -7.19
C LEU D 277 18.15 -14.15 -6.20
N GLY D 278 19.26 -13.45 -6.32
CA GLY D 278 20.38 -13.58 -5.36
C GLY D 278 19.92 -13.16 -3.96
N VAL D 279 19.23 -12.03 -3.91
CA VAL D 279 18.61 -11.53 -2.67
C VAL D 279 17.61 -12.56 -2.11
N GLY D 280 16.78 -13.10 -2.99
CA GLY D 280 15.76 -14.09 -2.59
C GLY D 280 16.38 -15.39 -2.07
N ALA D 281 17.41 -15.89 -2.75
CA ALA D 281 18.16 -17.08 -2.29
C ALA D 281 18.71 -16.86 -0.91
N GLY D 282 19.26 -15.67 -0.64
CA GLY D 282 19.75 -15.29 0.68
C GLY D 282 18.68 -15.30 1.76
N ALA D 283 17.52 -14.74 1.46
CA ALA D 283 16.41 -14.76 2.42
C ALA D 283 15.95 -16.18 2.72
N LEU D 284 15.85 -16.96 1.67
CA LEU D 284 15.37 -18.32 1.79
C LEU D 284 16.32 -19.12 2.69
N ALA D 285 17.62 -18.96 2.46
CA ALA D 285 18.62 -19.70 3.27
C ALA D 285 18.60 -19.25 4.73
N ALA D 286 18.34 -17.97 4.97
CA ALA D 286 18.25 -17.42 6.32
C ALA D 286 16.93 -17.67 7.04
N GLY D 287 15.96 -18.28 6.36
CA GLY D 287 14.64 -18.49 6.93
C GLY D 287 13.88 -17.18 7.13
N GLU D 288 14.18 -16.19 6.30
CA GLU D 288 13.56 -14.86 6.44
C GLU D 288 12.49 -14.70 5.37
N ARG D 289 11.47 -13.93 5.74
CA ARG D 289 10.41 -13.58 4.81
C ARG D 289 10.89 -12.46 3.92
N ALA D 290 10.60 -12.55 2.61
CA ALA D 290 10.90 -11.42 1.72
C ALA D 290 9.76 -11.19 0.71
N ASP D 291 9.58 -9.91 0.42
CA ASP D 291 8.69 -9.42 -0.64
C ASP D 291 9.49 -8.42 -1.42
N ILE D 292 10.05 -8.92 -2.51
CA ILE D 292 11.03 -8.21 -3.34
C ILE D 292 10.39 -7.64 -4.59
N ALA D 293 10.32 -6.30 -4.67
CA ALA D 293 9.80 -5.62 -5.87
C ALA D 293 10.96 -5.37 -6.83
N LEU D 294 10.75 -5.61 -8.12
CA LEU D 294 11.81 -5.37 -9.09
C LEU D 294 11.23 -4.65 -10.28
N VAL D 295 12.04 -3.83 -10.92
CA VAL D 295 11.55 -3.01 -12.04
C VAL D 295 11.79 -3.74 -13.36
N VAL D 296 10.75 -3.79 -14.19
CA VAL D 296 10.84 -4.14 -15.60
C VAL D 296 10.84 -2.82 -16.40
N ALA D 297 12.03 -2.29 -16.68
CA ALA D 297 12.18 -0.93 -17.16
C ALA D 297 11.75 -0.73 -18.62
N ASP D 298 11.85 -1.78 -19.43
CA ASP D 298 11.41 -1.73 -20.82
C ASP D 298 11.17 -3.14 -21.29
N ALA D 299 10.53 -3.26 -22.46
CA ALA D 299 10.17 -4.56 -23.01
C ALA D 299 11.30 -4.99 -23.95
N GLY D 300 11.22 -6.20 -24.50
CA GLY D 300 12.23 -6.67 -25.41
C GLY D 300 12.26 -6.14 -26.83
N TRP D 301 11.22 -5.37 -27.23
CA TRP D 301 11.07 -4.94 -28.61
C TRP D 301 12.30 -4.29 -29.23
N LYS D 302 12.96 -3.44 -28.47
CA LYS D 302 14.12 -2.70 -28.97
C LYS D 302 15.43 -3.49 -28.99
N TYR D 303 15.38 -4.76 -28.60
CA TYR D 303 16.56 -5.58 -28.50
C TYR D 303 16.48 -6.82 -29.39
N LEU D 304 15.43 -6.91 -30.20
CA LEU D 304 15.26 -8.12 -31.02
C LEU D 304 16.41 -8.28 -32.01
N SER D 305 16.92 -7.16 -32.49
CA SER D 305 18.02 -7.17 -33.47
C SER D 305 19.34 -7.70 -32.91
N THR D 306 19.46 -7.83 -31.60
CA THR D 306 20.68 -8.35 -30.96
C THR D 306 20.85 -9.86 -31.07
N GLY D 307 19.77 -10.58 -31.32
CA GLY D 307 19.78 -12.06 -31.27
C GLY D 307 19.62 -12.71 -29.92
N ALA D 308 19.49 -11.89 -28.87
CA ALA D 308 19.39 -12.38 -27.52
C ALA D 308 18.11 -13.15 -27.26
N TYR D 309 17.09 -12.94 -28.12
CA TYR D 309 15.78 -13.57 -27.95
C TYR D 309 15.52 -14.70 -28.96
N ALA D 310 16.58 -15.14 -29.65
CA ALA D 310 16.46 -16.26 -30.60
C ALA D 310 15.83 -17.49 -29.93
N GLY D 311 15.09 -18.28 -30.70
CA GLY D 311 14.42 -19.45 -30.15
C GLY D 311 15.37 -20.37 -29.45
N SER D 312 16.51 -20.59 -30.09
CA SER D 312 17.56 -21.41 -29.56
C SER D 312 18.77 -20.49 -29.43
N LEU D 313 19.29 -20.38 -28.21
CA LEU D 313 20.51 -19.63 -27.95
C LEU D 313 21.44 -20.49 -27.08
N ASP D 314 22.18 -21.38 -27.75
CA ASP D 314 23.12 -22.30 -27.09
C ASP D 314 24.31 -21.58 -26.45
N ASP D 315 24.72 -20.45 -27.04
CA ASP D 315 25.83 -19.65 -26.53
C ASP D 315 25.44 -18.17 -26.53
N ALA D 316 25.19 -17.62 -25.34
CA ALA D 316 24.69 -16.26 -25.20
C ALA D 316 25.68 -15.21 -25.71
N GLU D 317 26.98 -15.54 -25.67
CA GLU D 317 28.02 -14.66 -26.22
C GLU D 317 27.87 -14.32 -27.71
N THR D 318 27.18 -15.16 -28.49
CA THR D 318 26.92 -14.83 -29.90
C THR D 318 26.07 -13.56 -30.02
N ALA D 319 25.14 -13.40 -29.08
CA ALA D 319 24.24 -12.23 -29.02
C ALA D 319 24.94 -10.98 -28.47
N LEU D 320 25.93 -11.16 -27.61
CA LEU D 320 26.63 -10.07 -26.92
C LEU D 320 27.86 -9.54 -27.65
N GLU D 321 28.35 -10.25 -28.67
CA GLU D 321 29.62 -9.89 -29.31
C GLU D 321 29.55 -8.48 -29.87
N GLY D 322 30.49 -7.63 -29.47
CA GLY D 322 30.53 -6.21 -29.85
C GLY D 322 29.95 -5.30 -28.78
N GLN D 323 29.57 -5.89 -27.64
CA GLN D 323 28.89 -5.19 -26.55
C GLN D 323 27.43 -4.87 -26.85
N LEU D 324 26.64 -4.88 -25.78
CA LEU D 324 25.19 -4.77 -25.86
C LEU D 324 24.77 -3.67 -24.88
N TRP D 325 24.28 -2.56 -25.42
CA TRP D 325 23.77 -1.45 -24.64
C TRP D 325 22.32 -1.71 -24.27
N ALA D 326 21.98 -1.56 -23.00
CA ALA D 326 20.61 -1.80 -22.54
C ALA D 326 20.17 -0.81 -21.48
N1 PLP E . -16.80 -2.83 17.50
C2 PLP E . -16.68 -1.60 18.06
C2A PLP E . -16.26 -1.48 19.49
C3 PLP E . -17.06 -0.42 17.32
O3 PLP E . -16.99 0.84 17.83
C4 PLP E . -17.47 -0.57 15.90
C4A PLP E . -17.84 0.55 15.02
C5 PLP E . -17.56 -1.94 15.37
C6 PLP E . -17.19 -2.99 16.22
C5A PLP E . -17.98 -2.20 13.95
O4P PLP E . -17.18 -1.55 12.97
P PLP E . -17.84 -0.83 11.68
O1P PLP E . -16.60 -0.42 10.92
O2P PLP E . -18.72 0.27 12.17
O3P PLP E . -18.65 -1.91 10.93
OAB AU6 F . -19.78 4.30 17.56
CAO AU6 F . -20.76 4.19 16.82
OAD AU6 F . -21.46 5.21 16.62
CAT AU6 F . -21.12 2.91 16.26
CAL AU6 F . -20.73 1.69 16.82
CAG AU6 F . -21.90 2.90 15.13
CAE AU6 F . -22.27 1.64 14.58
CAF AU6 F . -21.86 0.45 15.15
CAS AU6 F . -21.05 0.43 16.28
NAN AU6 F . -20.63 -0.66 16.96
CAP AU6 F . -20.86 -1.97 16.61
OAC AU6 F . -21.19 -2.27 15.48
NAM AU6 F . -20.43 -2.91 17.53
CAR AU6 F . -20.55 -4.25 17.37
CAJ AU6 F . -20.97 -4.97 18.48
CAH AU6 F . -21.11 -6.38 18.45
CAQ AU6 F . -20.88 -7.05 17.26
CAA AU6 F . -21.05 -8.48 17.15
CAI AU6 F . -20.49 -6.33 16.14
CAK AU6 F . -20.33 -4.94 16.19
C1 GOL G . -19.67 -0.53 20.72
O1 GOL G . -19.36 0.15 19.52
C2 GOL G . -19.98 -2.00 20.58
O2 GOL G . -21.35 -1.99 20.10
C3 GOL G . -19.84 -2.79 21.86
O3 GOL G . -21.06 -3.37 22.40
N1 PLP H . 1.77 8.34 37.75
C2 PLP H . 1.16 7.14 37.63
C2A PLP H . -0.24 7.06 37.07
C3 PLP H . 1.82 5.94 38.03
O3 PLP H . 1.23 4.71 37.95
C4 PLP H . 3.16 6.01 38.60
C4A PLP H . 3.92 4.84 39.03
C5 PLP H . 3.75 7.35 38.68
C6 PLP H . 3.01 8.43 38.26
C5A PLP H . 5.14 7.54 39.27
O4P PLP H . 6.14 6.79 38.59
P PLP H . 7.36 6.09 39.37
O1P PLP H . 8.22 5.55 38.24
O2P PLP H . 6.74 5.03 40.26
O3P PLP H . 8.06 7.16 40.21
OAB AU6 I . 1.68 0.47 42.57
CAO AU6 I . 1.61 1.50 41.81
OAD AU6 I . 0.93 1.45 40.76
CAT AU6 I . 2.24 2.71 42.19
CAL AU6 I . 1.76 3.96 41.76
CAG AU6 I . 3.35 2.71 43.04
CAE AU6 I . 3.91 3.94 43.43
CAF AU6 I . 3.41 5.16 42.98
CAS AU6 I . 2.32 5.20 42.12
NAN AU6 I . 1.72 6.32 41.63
CAP AU6 I . 2.16 7.61 41.80
OAC AU6 I . 3.25 7.88 42.29
NAM AU6 I . 1.32 8.56 41.28
CAR AU6 I . 1.53 9.94 41.40
CAJ AU6 I . 0.41 10.75 41.60
CAH AU6 I . 0.53 12.15 41.71
CAQ AU6 I . 1.78 12.70 41.59
CAA AU6 I . 1.92 14.14 41.70
CAI AU6 I . 2.88 11.91 41.38
CAK AU6 I . 2.77 10.53 41.28
C1 GOL J . 0.26 8.32 45.10
O1 GOL J . -0.69 9.35 44.73
C2 GOL J . -0.14 7.01 44.43
O2 GOL J . 0.64 6.00 45.06
C3 GOL J . -1.65 6.72 44.56
O3 GOL J . -2.32 6.61 43.27
N1 PLP K . -5.68 -5.03 -36.00
C2 PLP K . -4.77 -5.89 -35.48
C2A PLP K . -3.38 -5.43 -35.24
C3 PLP K . -5.15 -7.24 -35.10
O3 PLP K . -4.28 -8.13 -34.53
C4 PLP K . -6.54 -7.65 -35.33
C4A PLP K . -7.02 -8.99 -34.98
C5 PLP K . -7.42 -6.66 -35.95
C6 PLP K . -6.94 -5.40 -36.25
C5A PLP K . -8.86 -7.03 -36.24
O4P PLP K . -9.56 -7.42 -35.07
P PLP K . -10.61 -8.60 -35.11
O1P PLP K . -11.65 -8.31 -36.23
O2P PLP K . -11.23 -8.61 -33.72
O3P PLP K . -9.91 -9.87 -35.50
OAB AU6 L . -4.03 -14.23 -36.25
CAO AU6 L . -4.15 -12.99 -36.16
OAD AU6 L . -3.39 -12.37 -35.37
CAT AU6 L . -5.08 -12.28 -36.94
CAL AU6 L . -4.90 -10.93 -37.24
CAG AU6 L . -6.18 -12.98 -37.44
CAE AU6 L . -7.12 -12.26 -38.24
CAF AU6 L . -6.92 -10.92 -38.51
CAS AU6 L . -5.80 -10.19 -38.02
NAN AU6 L . -5.47 -8.88 -38.27
CAP AU6 L . -6.20 -7.99 -39.01
OAC AU6 L . -7.34 -8.24 -39.36
NAM AU6 L . -5.59 -6.78 -39.23
CAR AU6 L . -6.18 -5.75 -39.93
CAJ AU6 L . -5.34 -5.04 -40.78
CAH AU6 L . -5.77 -3.98 -41.56
CAQ AU6 L . -7.09 -3.60 -41.47
CAA AU6 L . -7.52 -2.52 -42.27
CAI AU6 L . -7.96 -4.28 -40.60
CAK AU6 L . -7.51 -5.37 -39.84
N1 PLP M . 16.80 -0.08 -17.36
C2 PLP M . 16.35 0.58 -18.45
C2A PLP M . 15.77 -0.21 -19.58
C3 PLP M . 16.44 2.03 -18.53
O3 PLP M . 15.99 2.72 -19.58
C4 PLP M . 17.01 2.75 -17.38
C4A PLP M . 17.15 4.21 -17.31
C5 PLP M . 17.48 1.95 -16.24
C6 PLP M . 17.33 0.58 -16.33
C5A PLP M . 18.11 2.63 -15.04
O4P PLP M . 17.22 3.51 -14.35
P PLP M . 17.79 4.93 -13.80
O1P PLP M . 18.33 5.74 -14.96
O2P PLP M . 16.59 5.52 -13.12
O3P PLP M . 18.97 4.60 -12.87
OAB AU6 N . 17.80 6.18 -21.78
CAO AU6 N . 18.85 6.67 -21.36
OAD AU6 N . 19.31 7.73 -21.87
CAT AU6 N . 19.59 6.00 -20.33
CAL AU6 N . 19.40 4.63 -20.07
CAG AU6 N . 20.49 6.73 -19.56
CAE AU6 N . 21.20 6.09 -18.55
CAF AU6 N . 21.05 4.71 -18.33
CAS AU6 N . 20.14 3.96 -19.08
NAN AU6 N . 19.97 2.61 -18.98
CAP AU6 N . 20.45 1.78 -18.00
OAC AU6 N . 20.94 2.21 -16.96
NAM AU6 N . 20.20 0.46 -18.20
CAR AU6 N . 20.69 -0.57 -17.42
CAJ AU6 N . 21.18 -1.69 -18.09
CAH AU6 N . 21.74 -2.78 -17.37
CAQ AU6 N . 21.73 -2.78 -15.99
CAA AU6 N . 22.30 -3.89 -15.27
CAI AU6 N . 21.27 -1.64 -15.31
CAK AU6 N . 20.72 -0.55 -16.02
#